data_9N9C
#
_entry.id   9N9C
#
_cell.length_a   1.00
_cell.length_b   1.00
_cell.length_c   1.00
_cell.angle_alpha   90.00
_cell.angle_beta   90.00
_cell.angle_gamma   90.00
#
_symmetry.space_group_name_H-M   'P 1'
#
loop_
_entity.id
_entity.type
_entity.pdbx_description
1 polymer 'Nuclease-deactivated Cas12f'
2 polymer 'gRNA (88-MER)'
3 non-polymer 'MAGNESIUM ION'
#
loop_
_entity_poly.entity_id
_entity_poly.type
_entity_poly.pdbx_seq_one_letter_code
_entity_poly.pdbx_strand_id
1 'polypeptide(L)'
;MGKSTLKHTRKIQILIDLPTKDEKKEVMDMMYQWRDRCFRAANIIVTHLYVQEMIKDFFYLSEGIKYKLADEKKDEKGIL
QRSRMNTTYRVVSDRFKGEMPTNILSTLNHGLISSFNKNRVQYWKGERSLPNFKKDMAFPFGLQGISRLVYDEEKKAFCF
RLYRVPFKTYLGKDFTDKRMLLERLVKGDVKLCASNIQLNGGKIFWLAVFEIEKEKHSLKPEVIAEASLSLEYPIVVKTG
KNRLTIGTKEEFLYRRLAIQAARRRTQVGATYSRSGKGKKRKLKAVDKYHKTESNYVAHRIHVYSRKLIDFCIKHQAGTL
ILMNQEDKVGIAKEEEFVLRNWSYYELMTKIKYKAEKAGIELIIG
;
A,B
2 'polyribonucleotide'
;AUUUUGAGGGUGCUUGUACACCCAUAGGGUGAGGUUAAGAAUUACACUCACUAAGUGUGAACAACACAUACAACUUGUGG
GAUAUACGCUAAC
;
c
#
# COMPACT_ATOMS: atom_id res chain seq x y z
N MET A 1 -30.91 -28.36 -13.38
CA MET A 1 -31.33 -27.54 -12.26
C MET A 1 -30.27 -26.49 -11.93
N GLY A 2 -30.71 -25.28 -11.61
CA GLY A 2 -29.79 -24.21 -11.26
C GLY A 2 -29.23 -24.37 -9.86
N LYS A 3 -28.23 -23.54 -9.57
CA LYS A 3 -27.57 -23.56 -8.27
C LYS A 3 -28.48 -22.92 -7.23
N SER A 4 -28.92 -23.71 -6.25
CA SER A 4 -29.80 -23.24 -5.19
C SER A 4 -29.04 -22.87 -3.92
N THR A 5 -27.72 -22.68 -4.02
CA THR A 5 -26.89 -22.40 -2.87
C THR A 5 -25.99 -21.20 -3.16
N LEU A 6 -25.64 -20.48 -2.10
CA LEU A 6 -24.77 -19.31 -2.20
C LEU A 6 -23.57 -19.51 -1.29
N LYS A 7 -22.38 -19.26 -1.81
CA LYS A 7 -21.16 -19.43 -1.03
C LYS A 7 -21.03 -18.31 0.01
N HIS A 8 -20.79 -18.70 1.26
CA HIS A 8 -20.52 -17.76 2.34
C HIS A 8 -19.24 -18.11 3.08
N THR A 9 -18.48 -17.09 3.43
CA THR A 9 -17.22 -17.22 4.15
C THR A 9 -17.47 -16.94 5.63
N ARG A 10 -17.00 -17.86 6.48
CA ARG A 10 -17.16 -17.73 7.91
C ARG A 10 -15.81 -17.82 8.60
N LYS A 11 -15.65 -17.03 9.66
CA LYS A 11 -14.43 -16.99 10.45
C LYS A 11 -14.68 -17.68 11.78
N ILE A 12 -14.16 -18.90 11.93
CA ILE A 12 -14.32 -19.69 13.15
C ILE A 12 -12.98 -19.75 13.85
N GLN A 13 -12.90 -19.19 15.05
CA GLN A 13 -11.64 -19.21 15.79
C GLN A 13 -11.38 -20.63 16.28
N ILE A 14 -10.15 -21.09 16.13
CA ILE A 14 -9.76 -22.43 16.55
C ILE A 14 -8.59 -22.32 17.51
N LEU A 15 -8.69 -23.00 18.64
CA LEU A 15 -7.63 -23.14 19.61
C LEU A 15 -7.00 -24.51 19.47
N ILE A 16 -5.80 -24.64 20.03
CA ILE A 16 -4.96 -25.81 19.82
C ILE A 16 -5.08 -26.69 21.05
N ASP A 17 -5.45 -27.95 20.84
CA ASP A 17 -5.83 -28.83 21.95
C ASP A 17 -4.68 -29.76 22.33
N LEU A 18 -3.73 -29.18 23.04
CA LEU A 18 -2.70 -29.95 23.74
C LEU A 18 -2.66 -29.47 25.17
N PRO A 19 -2.27 -30.35 26.11
CA PRO A 19 -2.40 -30.01 27.54
C PRO A 19 -1.60 -28.79 27.98
N THR A 20 -0.29 -28.80 27.77
CA THR A 20 0.56 -27.72 28.24
C THR A 20 0.85 -26.75 27.10
N LYS A 21 1.74 -25.78 27.34
CA LYS A 21 2.00 -24.73 26.37
C LYS A 21 3.20 -25.00 25.47
N ASP A 22 4.08 -25.93 25.84
CA ASP A 22 5.20 -26.25 24.98
C ASP A 22 4.73 -26.84 23.66
N GLU A 23 3.82 -27.82 23.73
CA GLU A 23 3.26 -28.39 22.51
C GLU A 23 2.44 -27.37 21.74
N LYS A 24 1.71 -26.51 22.45
CA LYS A 24 0.94 -25.47 21.78
C LYS A 24 1.86 -24.56 20.96
N LYS A 25 2.96 -24.13 21.56
CA LYS A 25 3.89 -23.25 20.85
C LYS A 25 4.56 -23.97 19.70
N GLU A 26 4.87 -25.25 19.89
CA GLU A 26 5.44 -26.04 18.79
C GLU A 26 4.48 -26.10 17.62
N VAL A 27 3.19 -26.37 17.89
CA VAL A 27 2.24 -26.50 16.81
C VAL A 27 1.98 -25.14 16.16
N MET A 28 1.97 -24.07 16.94
CA MET A 28 1.80 -22.74 16.36
C MET A 28 2.98 -22.37 15.46
N ASP A 29 4.20 -22.74 15.87
CA ASP A 29 5.36 -22.51 15.02
C ASP A 29 5.26 -23.31 13.73
N MET A 30 4.84 -24.57 13.83
CA MET A 30 4.64 -25.38 12.64
C MET A 30 3.57 -24.77 11.74
N MET A 31 2.54 -24.17 12.32
CA MET A 31 1.46 -23.60 11.52
C MET A 31 1.92 -22.31 10.82
N TYR A 32 2.71 -21.48 11.51
CA TYR A 32 3.34 -20.34 10.85
C TYR A 32 4.23 -20.80 9.70
N GLN A 33 4.96 -21.89 9.92
CA GLN A 33 5.77 -22.45 8.85
C GLN A 33 4.91 -22.86 7.67
N TRP A 34 3.76 -23.47 7.96
CA TRP A 34 2.84 -23.83 6.88
C TRP A 34 2.43 -22.60 6.08
N ARG A 35 2.08 -21.51 6.77
CA ARG A 35 1.63 -20.30 6.06
C ARG A 35 2.73 -19.72 5.19
N ASP A 36 3.95 -19.62 5.74
CA ASP A 36 5.06 -19.07 4.97
C ASP A 36 5.33 -19.91 3.73
N ARG A 37 5.37 -21.23 3.90
CA ARG A 37 5.62 -22.11 2.77
C ARG A 37 4.49 -21.99 1.75
N CYS A 38 3.26 -21.78 2.21
CA CYS A 38 2.16 -21.62 1.26
C CYS A 38 2.32 -20.38 0.40
N PHE A 39 2.73 -19.26 1.01
CA PHE A 39 2.93 -18.05 0.23
C PHE A 39 4.03 -18.23 -0.81
N ARG A 40 5.15 -18.84 -0.40
CA ARG A 40 6.22 -19.09 -1.36
C ARG A 40 5.75 -19.98 -2.50
N ALA A 41 5.01 -21.05 -2.16
CA ALA A 41 4.55 -21.97 -3.19
C ALA A 41 3.60 -21.28 -4.16
N ALA A 42 2.71 -20.43 -3.65
CA ALA A 42 1.76 -19.76 -4.53
C ALA A 42 2.48 -18.84 -5.50
N ASN A 43 3.47 -18.10 -5.02
CA ASN A 43 4.22 -17.24 -5.92
C ASN A 43 4.91 -18.04 -7.00
N ILE A 44 5.53 -19.17 -6.63
CA ILE A 44 6.22 -19.97 -7.63
C ILE A 44 5.22 -20.52 -8.64
N ILE A 45 4.03 -20.91 -8.18
CA ILE A 45 3.01 -21.41 -9.09
C ILE A 45 2.68 -20.36 -10.13
N VAL A 46 2.44 -19.13 -9.69
CA VAL A 46 2.05 -18.08 -10.62
C VAL A 46 3.17 -17.79 -11.61
N THR A 47 4.42 -17.70 -11.13
CA THR A 47 5.53 -17.43 -12.04
C THR A 47 5.64 -18.52 -13.09
N HIS A 48 5.56 -19.78 -12.66
CA HIS A 48 5.71 -20.87 -13.61
C HIS A 48 4.60 -20.88 -14.63
N LEU A 49 3.37 -20.61 -14.20
CA LEU A 49 2.26 -20.60 -15.15
C LEU A 49 2.45 -19.49 -16.18
N TYR A 50 2.84 -18.30 -15.73
CA TYR A 50 3.03 -17.19 -16.67
C TYR A 50 4.15 -17.48 -17.64
N VAL A 51 5.25 -18.06 -17.14
CA VAL A 51 6.37 -18.39 -18.02
C VAL A 51 5.95 -19.40 -19.07
N GLN A 52 5.14 -20.39 -18.67
CA GLN A 52 4.61 -21.34 -19.64
C GLN A 52 3.80 -20.65 -20.71
N GLU A 53 2.89 -19.77 -20.30
CA GLU A 53 2.03 -19.11 -21.29
C GLU A 53 2.83 -18.24 -22.24
N MET A 54 3.78 -17.46 -21.71
CA MET A 54 4.57 -16.59 -22.56
C MET A 54 5.50 -17.39 -23.48
N ILE A 55 6.01 -18.53 -23.01
CA ILE A 55 6.83 -19.35 -23.89
C ILE A 55 6.00 -19.93 -25.01
N LYS A 56 4.76 -20.34 -24.72
CA LYS A 56 3.86 -20.80 -25.76
C LYS A 56 3.59 -19.68 -26.77
N ASP A 57 3.36 -18.47 -26.27
CA ASP A 57 3.12 -17.34 -27.17
C ASP A 57 4.36 -17.04 -28.02
N PHE A 58 5.54 -17.11 -27.42
CA PHE A 58 6.78 -16.90 -28.16
C PHE A 58 6.94 -17.93 -29.26
N PHE A 59 6.68 -19.20 -28.96
CA PHE A 59 6.83 -20.24 -29.96
C PHE A 59 5.81 -20.10 -31.07
N TYR A 60 4.57 -19.70 -30.71
CA TYR A 60 3.55 -19.47 -31.73
C TYR A 60 3.93 -18.31 -32.65
N LEU A 61 4.41 -17.20 -32.07
CA LEU A 61 4.75 -16.04 -32.89
C LEU A 61 5.97 -16.30 -33.75
N SER A 62 6.98 -16.98 -33.21
CA SER A 62 8.19 -17.26 -33.98
C SER A 62 7.92 -18.24 -35.11
N GLU A 63 7.13 -19.28 -34.85
CA GLU A 63 6.80 -20.27 -35.86
C GLU A 63 5.51 -21.00 -35.52
N SER A 83 0.68 -33.50 -17.08
CA SER A 83 -0.07 -32.34 -17.55
C SER A 83 0.41 -31.08 -16.84
N ARG A 84 -0.13 -29.93 -17.27
CA ARG A 84 0.32 -28.65 -16.73
C ARG A 84 0.06 -28.56 -15.22
N MET A 85 -1.13 -28.97 -14.79
CA MET A 85 -1.43 -29.02 -13.36
C MET A 85 -0.48 -29.95 -12.64
N ASN A 86 -0.22 -31.11 -13.24
CA ASN A 86 0.74 -32.04 -12.67
C ASN A 86 2.12 -31.40 -12.59
N THR A 87 2.51 -30.65 -13.61
CA THR A 87 3.84 -30.06 -13.61
C THR A 87 3.99 -29.04 -12.49
N THR A 88 3.00 -28.15 -12.33
CA THR A 88 3.11 -27.14 -11.29
C THR A 88 3.05 -27.77 -9.90
N TYR A 89 2.16 -28.75 -9.72
CA TYR A 89 2.11 -29.47 -8.44
C TYR A 89 3.43 -30.15 -8.15
N ARG A 90 4.04 -30.76 -9.18
CA ARG A 90 5.32 -31.44 -8.99
C ARG A 90 6.42 -30.46 -8.59
N VAL A 91 6.46 -29.30 -9.24
CA VAL A 91 7.55 -28.38 -8.94
C VAL A 91 7.41 -27.81 -7.54
N VAL A 92 6.19 -27.43 -7.14
CA VAL A 92 6.03 -26.93 -5.78
C VAL A 92 6.29 -28.04 -4.77
N SER A 93 5.93 -29.29 -5.10
CA SER A 93 6.25 -30.40 -4.23
C SER A 93 7.74 -30.52 -4.02
N ASP A 94 8.49 -30.78 -5.10
CA ASP A 94 9.92 -30.99 -4.98
C ASP A 94 10.63 -29.78 -4.39
N ARG A 95 10.04 -28.59 -4.47
CA ARG A 95 10.62 -27.46 -3.75
C ARG A 95 10.24 -27.44 -2.28
N PHE A 96 9.12 -28.06 -1.90
CA PHE A 96 8.68 -27.96 -0.50
C PHE A 96 8.21 -29.30 0.05
N LYS A 97 8.91 -30.39 -0.24
CA LYS A 97 8.51 -31.69 0.27
C LYS A 97 9.03 -31.91 1.69
N GLY A 98 8.15 -32.40 2.57
CA GLY A 98 8.52 -32.81 3.90
C GLY A 98 8.40 -31.72 4.95
N GLU A 99 8.32 -30.46 4.55
CA GLU A 99 8.25 -29.35 5.48
C GLU A 99 6.83 -28.86 5.71
N MET A 100 5.84 -29.53 5.14
CA MET A 100 4.48 -29.00 5.06
C MET A 100 3.56 -30.06 4.48
N PRO A 101 2.28 -30.06 4.82
CA PRO A 101 1.36 -31.05 4.24
C PRO A 101 1.27 -30.93 2.73
N THR A 102 0.68 -31.95 2.12
CA THR A 102 0.59 -32.03 0.66
C THR A 102 -0.71 -31.53 0.08
N ASN A 103 -1.80 -31.56 0.84
CA ASN A 103 -3.09 -31.16 0.29
C ASN A 103 -3.15 -29.65 0.05
N ILE A 104 -2.50 -28.88 0.91
CA ILE A 104 -2.49 -27.43 0.75
C ILE A 104 -1.93 -27.06 -0.62
N LEU A 105 -0.81 -27.67 -0.99
CA LEU A 105 -0.17 -27.32 -2.25
C LEU A 105 -1.04 -27.68 -3.44
N SER A 106 -1.73 -28.82 -3.38
CA SER A 106 -2.57 -29.22 -4.50
C SER A 106 -3.76 -28.30 -4.65
N THR A 107 -4.42 -27.93 -3.54
CA THR A 107 -5.54 -27.00 -3.64
C THR A 107 -5.07 -25.63 -4.12
N LEU A 108 -3.92 -25.19 -3.63
CA LEU A 108 -3.36 -23.91 -4.07
C LEU A 108 -3.08 -23.93 -5.57
N ASN A 109 -2.50 -25.04 -6.04
CA ASN A 109 -2.26 -25.22 -7.46
C ASN A 109 -3.55 -25.14 -8.25
N HIS A 110 -4.58 -25.85 -7.81
CA HIS A 110 -5.82 -25.91 -8.59
C HIS A 110 -6.49 -24.54 -8.64
N GLY A 111 -6.51 -23.83 -7.52
CA GLY A 111 -7.11 -22.51 -7.51
C GLY A 111 -6.36 -21.52 -8.37
N LEU A 112 -5.02 -21.51 -8.28
CA LEU A 112 -4.24 -20.59 -9.10
C LEU A 112 -4.37 -20.93 -10.58
N ILE A 113 -4.45 -22.22 -10.90
CA ILE A 113 -4.66 -22.62 -12.29
C ILE A 113 -6.01 -22.14 -12.79
N SER A 114 -7.06 -22.28 -11.99
CA SER A 114 -8.36 -21.80 -12.43
C SER A 114 -8.34 -20.30 -12.69
N SER A 115 -7.75 -19.53 -11.76
CA SER A 115 -7.69 -18.08 -11.94
C SER A 115 -6.89 -17.70 -13.18
N PHE A 116 -5.74 -18.35 -13.39
CA PHE A 116 -4.92 -17.99 -14.54
C PHE A 116 -5.54 -18.43 -15.85
N ASN A 117 -6.19 -19.59 -15.88
CA ASN A 117 -6.90 -19.98 -17.09
C ASN A 117 -8.03 -19.01 -17.40
N LYS A 118 -8.64 -18.43 -16.38
CA LYS A 118 -9.65 -17.41 -16.63
C LYS A 118 -9.05 -16.10 -17.12
N ASN A 119 -7.88 -15.70 -16.63
CA ASN A 119 -7.34 -14.40 -16.99
C ASN A 119 -6.15 -14.49 -17.95
N ARG A 120 -6.01 -15.61 -18.66
CA ARG A 120 -4.89 -15.80 -19.59
C ARG A 120 -4.91 -14.77 -20.71
N VAL A 121 -6.08 -14.50 -21.27
CA VAL A 121 -6.16 -13.54 -22.37
C VAL A 121 -5.74 -12.16 -21.91
N GLN A 122 -6.22 -11.74 -20.74
CA GLN A 122 -5.84 -10.44 -20.22
C GLN A 122 -4.35 -10.38 -19.89
N TYR A 123 -3.79 -11.47 -19.38
CA TYR A 123 -2.38 -11.46 -18.98
C TYR A 123 -1.47 -11.44 -20.20
N TRP A 124 -1.85 -12.12 -21.27
CA TRP A 124 -1.07 -12.02 -22.50
C TRP A 124 -1.25 -10.64 -23.14
N LYS A 125 -2.49 -10.15 -23.19
CA LYS A 125 -2.74 -8.85 -23.78
C LYS A 125 -2.05 -7.74 -23.00
N GLY A 126 -2.11 -7.80 -21.68
CA GLY A 126 -1.39 -6.87 -20.83
C GLY A 126 -2.23 -5.90 -20.04
N GLU A 127 -3.50 -6.20 -19.78
CA GLU A 127 -4.35 -5.30 -19.02
C GLU A 127 -4.36 -5.62 -17.54
N ARG A 128 -3.54 -6.58 -17.10
CA ARG A 128 -3.57 -7.00 -15.71
C ARG A 128 -2.15 -7.37 -15.28
N SER A 129 -1.90 -7.24 -13.99
CA SER A 129 -0.60 -7.52 -13.41
C SER A 129 -0.62 -8.89 -12.75
N LEU A 130 0.46 -9.64 -12.94
CA LEU A 130 0.56 -10.97 -12.37
C LEU A 130 0.47 -10.89 -10.84
N PRO A 131 -0.22 -11.82 -10.20
CA PRO A 131 -0.42 -11.72 -8.75
C PRO A 131 0.88 -11.81 -7.96
N ASN A 132 0.91 -11.08 -6.85
CA ASN A 132 2.04 -11.04 -5.94
C ASN A 132 1.53 -11.41 -4.55
N PHE A 133 1.87 -12.61 -4.10
CA PHE A 133 1.49 -13.05 -2.77
C PHE A 133 2.59 -12.74 -1.77
N LYS A 134 2.18 -12.34 -0.58
CA LYS A 134 3.09 -11.91 0.47
C LYS A 134 3.09 -12.92 1.61
N LYS A 135 3.86 -12.64 2.65
CA LYS A 135 4.03 -13.52 3.80
C LYS A 135 2.84 -13.49 4.76
N ASP A 136 1.79 -12.74 4.46
CA ASP A 136 0.65 -12.58 5.36
C ASP A 136 -0.65 -13.11 4.77
N MET A 137 -0.63 -14.30 4.19
CA MET A 137 -1.79 -14.85 3.51
C MET A 137 -2.39 -16.01 4.29
N ALA A 138 -3.65 -16.33 3.97
CA ALA A 138 -4.30 -17.49 4.54
C ALA A 138 -3.95 -18.74 3.74
N PHE A 139 -3.67 -19.84 4.47
CA PHE A 139 -3.29 -20.89 3.54
C PHE A 139 -4.42 -21.89 3.35
N PRO A 140 -4.55 -22.47 2.16
CA PRO A 140 -5.71 -23.29 1.85
C PRO A 140 -5.60 -24.71 2.39
N PHE A 141 -6.73 -25.41 2.35
CA PHE A 141 -6.84 -26.83 2.67
C PHE A 141 -8.24 -27.28 2.29
N GLY A 142 -8.35 -28.50 1.77
CA GLY A 142 -9.61 -29.00 1.29
C GLY A 142 -10.40 -29.74 2.34
N LEU A 143 -11.54 -30.29 1.90
CA LEU A 143 -12.37 -31.08 2.81
C LEU A 143 -11.72 -32.39 3.21
N GLN A 144 -10.61 -32.78 2.58
CA GLN A 144 -9.88 -33.96 2.98
C GLN A 144 -8.98 -33.72 4.18
N GLY A 145 -8.92 -32.48 4.69
CA GLY A 145 -8.09 -32.19 5.84
C GLY A 145 -8.80 -32.41 7.16
N ILE A 146 -10.09 -32.14 7.21
CA ILE A 146 -10.86 -32.30 8.43
C ILE A 146 -11.09 -33.79 8.67
N SER A 147 -10.69 -34.26 9.85
CA SER A 147 -10.90 -35.64 10.25
C SER A 147 -11.38 -35.68 11.69
N ARG A 148 -12.33 -36.57 11.96
CA ARG A 148 -12.87 -36.77 13.31
C ARG A 148 -13.46 -35.48 13.89
N LEU A 149 -14.48 -34.96 13.20
CA LEU A 149 -15.17 -33.76 13.65
C LEU A 149 -16.34 -34.19 14.53
N VAL A 150 -16.19 -34.01 15.85
CA VAL A 150 -17.23 -34.41 16.79
C VAL A 150 -17.32 -33.37 17.90
N TYR A 151 -18.55 -33.13 18.34
CA TYR A 151 -18.80 -32.28 19.51
C TYR A 151 -18.39 -33.04 20.76
N ASP A 152 -17.64 -32.38 21.64
CA ASP A 152 -17.19 -32.98 22.89
C ASP A 152 -17.97 -32.37 24.04
N GLU A 153 -18.56 -33.22 24.88
CA GLU A 153 -19.38 -32.73 25.98
C GLU A 153 -18.54 -32.19 27.12
N GLU A 154 -17.35 -32.74 27.35
CA GLU A 154 -16.54 -32.32 28.48
C GLU A 154 -15.86 -30.98 28.23
N LYS A 155 -15.59 -30.63 26.98
CA LYS A 155 -14.87 -29.42 26.64
C LYS A 155 -15.72 -28.37 25.97
N LYS A 156 -17.00 -28.66 25.74
CA LYS A 156 -17.94 -27.69 25.15
C LYS A 156 -17.40 -27.09 23.85
N ALA A 157 -16.83 -27.94 23.00
CA ALA A 157 -16.31 -27.47 21.73
C ALA A 157 -16.32 -28.63 20.73
N PHE A 158 -16.29 -28.26 19.46
CA PHE A 158 -16.07 -29.23 18.40
C PHE A 158 -14.59 -29.52 18.29
N CYS A 159 -14.24 -30.81 18.21
CA CYS A 159 -12.87 -31.24 18.04
C CYS A 159 -12.72 -31.86 16.65
N PHE A 160 -11.60 -31.56 16.01
CA PHE A 160 -11.30 -32.08 14.69
C PHE A 160 -9.81 -32.08 14.47
N ARG A 161 -9.36 -33.04 13.65
CA ARG A 161 -7.95 -33.18 13.33
C ARG A 161 -7.73 -32.76 11.89
N LEU A 162 -6.78 -31.86 11.68
CA LEU A 162 -6.47 -31.31 10.37
C LEU A 162 -5.01 -31.62 10.08
N TYR A 163 -4.77 -32.53 9.15
CA TYR A 163 -3.44 -33.05 8.87
C TYR A 163 -2.78 -33.59 10.14
N ARG A 164 -3.52 -34.48 10.83
CA ARG A 164 -3.05 -35.10 12.07
C ARG A 164 -2.59 -34.07 13.09
N VAL A 165 -3.33 -32.98 13.24
CA VAL A 165 -3.09 -31.98 14.27
C VAL A 165 -4.41 -31.71 14.97
N PRO A 166 -4.50 -31.90 16.28
CA PRO A 166 -5.79 -31.70 16.97
C PRO A 166 -6.14 -30.22 17.06
N PHE A 167 -7.43 -29.93 16.99
CA PHE A 167 -7.92 -28.57 17.03
C PHE A 167 -9.30 -28.57 17.64
N LYS A 168 -9.60 -27.52 18.41
CA LYS A 168 -10.89 -27.36 19.03
C LYS A 168 -11.42 -25.99 18.65
N THR A 169 -12.73 -25.85 18.58
CA THR A 169 -13.31 -24.58 18.16
C THR A 169 -13.57 -23.69 19.36
N TYR A 170 -13.23 -22.41 19.23
CA TYR A 170 -13.49 -21.41 20.25
C TYR A 170 -14.60 -20.52 19.72
N LEU A 171 -15.84 -20.85 20.05
CA LEU A 171 -16.99 -20.07 19.63
C LEU A 171 -17.53 -19.17 20.72
N GLY A 172 -17.40 -19.54 21.97
CA GLY A 172 -17.85 -18.68 23.05
C GLY A 172 -19.33 -18.42 22.97
N LYS A 173 -19.69 -17.13 23.00
CA LYS A 173 -21.09 -16.74 22.97
C LYS A 173 -21.64 -16.76 21.55
N ASP A 174 -21.68 -17.97 20.99
CA ASP A 174 -22.20 -18.20 19.64
C ASP A 174 -23.10 -19.42 19.64
N PHE A 175 -24.01 -19.50 20.61
CA PHE A 175 -24.87 -20.67 20.75
C PHE A 175 -25.92 -20.79 19.66
N THR A 176 -25.90 -19.94 18.64
CA THR A 176 -26.95 -20.05 17.64
C THR A 176 -26.44 -20.19 16.21
N ASP A 177 -25.39 -19.45 15.84
CA ASP A 177 -25.07 -19.26 14.43
C ASP A 177 -24.06 -20.28 13.90
N LYS A 178 -22.83 -20.25 14.43
CA LYS A 178 -21.81 -21.15 13.91
C LYS A 178 -21.84 -22.51 14.58
N ARG A 179 -22.57 -22.64 15.68
CA ARG A 179 -22.72 -23.95 16.32
C ARG A 179 -23.66 -24.86 15.55
N MET A 180 -24.62 -24.30 14.82
CA MET A 180 -25.54 -25.08 13.99
C MET A 180 -24.97 -25.35 12.62
N LEU A 181 -24.16 -24.43 12.08
CA LEU A 181 -23.54 -24.67 10.79
C LEU A 181 -22.54 -25.82 10.86
N LEU A 182 -21.77 -25.89 11.94
CA LEU A 182 -20.81 -26.97 12.11
C LEU A 182 -21.47 -28.26 12.61
N GLU A 183 -22.55 -28.13 13.37
CA GLU A 183 -23.35 -29.31 13.69
C GLU A 183 -23.99 -29.88 12.43
N ARG A 184 -24.20 -29.04 11.42
CA ARG A 184 -24.67 -29.53 10.14
C ARG A 184 -23.56 -30.24 9.37
N LEU A 185 -22.31 -29.84 9.61
CA LEU A 185 -21.21 -30.43 8.85
C LEU A 185 -20.94 -31.86 9.31
N VAL A 186 -21.03 -32.12 10.61
CA VAL A 186 -20.77 -33.48 11.10
C VAL A 186 -21.83 -34.44 10.57
N LYS A 187 -23.09 -33.99 10.51
CA LYS A 187 -24.12 -34.80 9.89
C LYS A 187 -23.97 -34.90 8.38
N GLY A 188 -23.23 -33.98 7.77
CA GLY A 188 -23.02 -34.02 6.34
C GLY A 188 -24.08 -33.35 5.49
N ASP A 189 -25.05 -32.68 6.12
CA ASP A 189 -26.08 -32.02 5.33
C ASP A 189 -25.50 -30.86 4.53
N VAL A 190 -24.63 -30.08 5.14
CA VAL A 190 -24.05 -28.89 4.52
C VAL A 190 -22.67 -29.26 3.98
N LYS A 191 -22.42 -28.89 2.74
CA LYS A 191 -21.15 -29.18 2.09
C LYS A 191 -20.15 -28.07 2.37
N LEU A 192 -18.89 -28.44 2.51
CA LEU A 192 -17.80 -27.49 2.67
C LEU A 192 -16.94 -27.52 1.42
N CYS A 193 -16.74 -26.36 0.80
CA CYS A 193 -15.78 -26.24 -0.29
C CYS A 193 -14.39 -26.00 0.31
N ALA A 194 -13.45 -25.59 -0.53
CA ALA A 194 -12.08 -25.38 -0.08
C ALA A 194 -12.05 -24.27 0.97
N SER A 195 -11.35 -24.51 2.08
CA SER A 195 -11.23 -23.52 3.13
C SER A 195 -9.79 -23.01 3.22
N ASN A 196 -9.59 -21.98 4.04
CA ASN A 196 -8.26 -21.48 4.34
C ASN A 196 -8.13 -21.26 5.84
N ILE A 197 -6.92 -20.89 6.25
CA ILE A 197 -6.61 -20.61 7.64
C ILE A 197 -5.85 -19.31 7.74
N GLN A 198 -6.26 -18.44 8.65
CA GLN A 198 -5.59 -17.18 8.93
C GLN A 198 -4.91 -17.26 10.28
N LEU A 199 -3.74 -16.63 10.39
CA LEU A 199 -3.00 -16.59 11.63
C LEU A 199 -2.71 -15.12 11.95
N ASN A 200 -3.05 -14.70 13.17
CA ASN A 200 -3.05 -13.29 13.52
C ASN A 200 -2.73 -13.15 15.01
N GLY A 201 -1.51 -12.73 15.32
CA GLY A 201 -1.16 -12.29 16.66
C GLY A 201 -1.42 -13.31 17.75
N GLY A 202 -1.04 -14.55 17.52
CA GLY A 202 -1.28 -15.60 18.48
C GLY A 202 -2.66 -16.22 18.43
N LYS A 203 -3.44 -15.89 17.41
CA LYS A 203 -4.77 -16.46 17.23
C LYS A 203 -4.84 -17.18 15.89
N ILE A 204 -5.56 -18.29 15.86
CA ILE A 204 -5.80 -19.06 14.66
C ILE A 204 -7.27 -18.95 14.28
N PHE A 205 -7.53 -18.54 13.05
CA PHE A 205 -8.88 -18.45 12.53
C PHE A 205 -9.02 -19.37 11.33
N TRP A 206 -10.20 -19.94 11.15
CA TRP A 206 -10.50 -20.84 10.06
C TRP A 206 -11.53 -20.16 9.15
N LEU A 207 -11.14 -19.92 7.91
CA LEU A 207 -12.01 -19.25 6.94
C LEU A 207 -12.64 -20.34 6.09
N ALA A 208 -13.89 -20.66 6.41
CA ALA A 208 -14.60 -21.76 5.78
C ALA A 208 -15.56 -21.22 4.73
N VAL A 209 -15.61 -21.90 3.59
CA VAL A 209 -16.50 -21.52 2.50
C VAL A 209 -17.64 -22.54 2.48
N PHE A 210 -18.80 -22.11 2.98
CA PHE A 210 -19.99 -22.95 3.11
C PHE A 210 -20.94 -22.72 1.95
N GLU A 211 -21.61 -23.80 1.54
CA GLU A 211 -22.66 -23.79 0.52
C GLU A 211 -24.01 -23.88 1.21
N ILE A 212 -24.60 -22.73 1.52
CA ILE A 212 -25.84 -22.65 2.28
C ILE A 212 -26.96 -22.32 1.29
N GLU A 213 -28.08 -23.02 1.43
CA GLU A 213 -29.21 -22.83 0.54
C GLU A 213 -29.87 -21.48 0.80
N LYS A 214 -30.46 -20.93 -0.25
CA LYS A 214 -31.18 -19.68 -0.14
C LYS A 214 -32.45 -19.86 0.68
N GLU A 215 -32.78 -18.84 1.46
CA GLU A 215 -34.01 -18.88 2.24
C GLU A 215 -35.21 -18.67 1.34
N LYS A 216 -36.32 -19.33 1.68
CA LYS A 216 -37.57 -19.14 0.96
C LYS A 216 -38.41 -18.12 1.70
N HIS A 217 -38.78 -17.04 1.01
CA HIS A 217 -39.59 -15.97 1.61
C HIS A 217 -40.74 -15.64 0.68
N SER A 218 -41.82 -15.12 1.26
CA SER A 218 -43.01 -14.73 0.50
C SER A 218 -42.75 -13.37 -0.13
N LEU A 219 -42.39 -13.37 -1.41
CA LEU A 219 -42.07 -12.15 -2.14
C LEU A 219 -43.04 -11.96 -3.28
N LYS A 220 -43.67 -10.79 -3.32
CA LYS A 220 -44.58 -10.44 -4.41
C LYS A 220 -43.81 -9.55 -5.39
N PRO A 221 -43.55 -10.01 -6.61
CA PRO A 221 -42.76 -9.19 -7.55
C PRO A 221 -43.42 -7.88 -7.94
N GLU A 222 -44.74 -7.76 -7.76
CA GLU A 222 -45.41 -6.52 -8.14
C GLU A 222 -45.00 -5.34 -7.28
N VAL A 223 -44.80 -5.56 -5.98
CA VAL A 223 -44.47 -4.46 -5.07
C VAL A 223 -42.99 -4.11 -5.24
N ILE A 224 -42.71 -2.81 -5.38
CA ILE A 224 -41.36 -2.31 -5.59
C ILE A 224 -41.03 -1.30 -4.50
N ALA A 225 -39.88 -1.49 -3.85
CA ALA A 225 -39.41 -0.59 -2.81
C ALA A 225 -38.29 0.29 -3.37
N GLU A 226 -38.51 1.60 -3.36
CA GLU A 226 -37.57 2.54 -3.96
C GLU A 226 -36.50 2.90 -2.95
N ALA A 227 -35.24 2.73 -3.33
CA ALA A 227 -34.11 3.13 -2.51
C ALA A 227 -33.20 4.03 -3.32
N SER A 228 -32.74 5.11 -2.71
CA SER A 228 -31.92 6.11 -3.38
C SER A 228 -30.67 6.38 -2.56
N LEU A 229 -29.54 6.49 -3.24
CA LEU A 229 -28.27 6.89 -2.63
C LEU A 229 -28.21 8.41 -2.74
N SER A 230 -28.89 9.08 -1.83
CA SER A 230 -29.05 10.52 -1.92
C SER A 230 -29.39 11.05 -0.53
N LEU A 231 -29.87 12.28 -0.48
CA LEU A 231 -30.21 12.98 0.76
C LEU A 231 -28.96 13.22 1.59
N GLU A 232 -29.15 13.72 2.80
CA GLU A 232 -28.05 13.89 3.74
C GLU A 232 -27.85 12.67 4.61
N TYR A 233 -28.64 11.64 4.41
CA TYR A 233 -28.55 10.34 5.04
C TYR A 233 -27.91 9.36 4.08
N PRO A 234 -27.33 8.28 4.59
CA PRO A 234 -26.61 7.35 3.71
C PRO A 234 -27.45 6.77 2.57
N ILE A 235 -28.53 6.05 2.88
CA ILE A 235 -29.42 5.48 1.88
C ILE A 235 -30.85 5.67 2.35
N VAL A 236 -31.72 6.17 1.48
CA VAL A 236 -33.11 6.46 1.85
C VAL A 236 -34.04 5.56 1.06
N VAL A 237 -34.88 4.81 1.76
CA VAL A 237 -35.72 3.79 1.14
C VAL A 237 -37.17 4.04 1.56
N LYS A 238 -38.10 3.63 0.71
CA LYS A 238 -39.51 3.93 0.90
C LYS A 238 -40.35 3.14 -0.10
N THR A 239 -41.49 2.63 0.38
CA THR A 239 -42.55 2.08 -0.47
C THR A 239 -43.75 1.74 0.39
N GLY A 240 -45.72 2.27 -1.98
CA GLY A 240 -46.67 2.39 -0.89
C GLY A 240 -46.57 3.70 -0.13
N LYS A 241 -46.50 3.62 1.20
CA LYS A 241 -46.54 4.83 2.01
C LYS A 241 -45.60 4.77 3.21
N ASN A 242 -44.68 3.83 3.25
CA ASN A 242 -43.73 3.72 4.36
C ASN A 242 -42.35 4.20 3.94
N ARG A 243 -41.59 4.70 4.92
CA ARG A 243 -40.29 5.29 4.67
C ARG A 243 -39.32 4.84 5.74
N LEU A 244 -38.03 4.78 5.39
CA LEU A 244 -36.96 4.38 6.30
C LEU A 244 -35.65 4.99 5.82
N THR A 245 -34.98 5.70 6.72
CA THR A 245 -33.68 6.31 6.43
C THR A 245 -32.61 5.47 7.11
N ILE A 246 -31.68 4.95 6.33
CA ILE A 246 -30.73 3.95 6.79
C ILE A 246 -29.45 4.67 7.19
N GLY A 247 -29.27 4.84 8.50
CA GLY A 247 -28.09 5.49 9.03
C GLY A 247 -28.22 7.00 9.06
N THR A 248 -27.20 7.62 9.65
CA THR A 248 -27.15 9.08 9.79
C THR A 248 -25.80 9.58 9.30
N LYS A 249 -25.78 10.85 8.88
CA LYS A 249 -24.54 11.46 8.44
C LYS A 249 -23.54 11.55 9.58
N GLU A 250 -24.01 11.90 10.78
CA GLU A 250 -23.13 12.01 11.93
C GLU A 250 -22.51 10.69 12.33
N GLU A 251 -23.08 9.56 11.89
CA GLU A 251 -22.53 8.25 12.19
C GLU A 251 -21.60 7.72 11.11
N PHE A 252 -21.55 8.35 9.96
CA PHE A 252 -20.72 7.88 8.86
C PHE A 252 -19.61 8.87 8.51
N LEU A 253 -19.96 10.12 8.20
CA LEU A 253 -18.95 11.06 7.73
C LEU A 253 -18.19 11.69 8.89
N TYR A 254 -18.89 12.16 9.93
CA TYR A 254 -18.22 12.88 11.01
C TYR A 254 -17.31 11.97 11.82
N ARG A 255 -17.78 10.77 12.17
CA ARG A 255 -16.95 9.84 12.92
C ARG A 255 -15.71 9.46 12.13
N ARG A 256 -15.86 9.19 10.84
CA ARG A 256 -14.70 8.90 10.01
C ARG A 256 -13.76 10.09 9.94
N LEU A 257 -14.29 11.30 9.97
CA LEU A 257 -13.43 12.48 10.00
C LEU A 257 -12.60 12.52 11.27
N ALA A 258 -13.13 12.01 12.39
CA ALA A 258 -12.34 11.96 13.61
C ALA A 258 -11.16 11.00 13.47
N ILE A 259 -11.40 9.83 12.87
CA ILE A 259 -10.30 8.90 12.63
C ILE A 259 -9.27 9.54 11.70
N GLN A 260 -9.74 10.22 10.66
CA GLN A 260 -8.82 10.85 9.72
C GLN A 260 -7.99 11.94 10.39
N ALA A 261 -8.63 12.76 11.24
CA ALA A 261 -7.91 13.83 11.91
C ALA A 261 -6.91 13.27 12.92
N ALA A 262 -7.29 12.23 13.64
CA ALA A 262 -6.35 11.60 14.55
C ALA A 262 -5.17 11.00 13.80
N ARG A 263 -5.43 10.41 12.64
CA ARG A 263 -4.34 9.88 11.82
C ARG A 263 -3.43 10.98 11.34
N ARG A 264 -3.98 12.11 10.93
CA ARG A 264 -3.14 13.21 10.48
C ARG A 264 -2.27 13.74 11.60
N ARG A 265 -2.85 13.89 12.79
CA ARG A 265 -2.08 14.31 13.95
C ARG A 265 -0.96 13.32 14.25
N THR A 266 -1.27 12.03 14.19
CA THR A 266 -0.25 11.02 14.43
C THR A 266 0.84 11.05 13.37
N GLN A 267 0.46 11.29 12.11
CA GLN A 267 1.45 11.35 11.05
C GLN A 267 2.39 12.54 11.23
N VAL A 268 1.84 13.69 11.62
CA VAL A 268 2.69 14.84 11.93
C VAL A 268 3.59 14.53 13.11
N GLY A 269 3.04 13.88 14.13
CA GLY A 269 3.81 13.57 15.31
C GLY A 269 4.77 12.43 15.17
N ALA A 270 4.76 11.74 14.04
CA ALA A 270 5.63 10.60 13.84
C ALA A 270 6.98 10.98 13.27
N THR A 271 7.17 12.23 12.84
CA THR A 271 8.49 12.63 12.38
C THR A 271 9.50 12.69 13.51
N TYR A 272 9.05 12.98 14.73
CA TYR A 272 9.89 12.90 15.93
C TYR A 272 9.41 11.84 16.91
N SER A 273 8.71 10.82 16.42
CA SER A 273 8.53 9.61 17.19
C SER A 273 9.84 8.83 17.24
N ARG A 274 9.81 7.66 17.84
CA ARG A 274 11.05 6.92 18.07
C ARG A 274 11.74 6.63 16.76
N SER A 275 12.86 7.29 16.53
CA SER A 275 13.60 7.19 15.28
C SER A 275 14.70 6.14 15.41
N GLY A 276 15.31 5.82 14.28
CA GLY A 276 16.40 4.87 14.27
C GLY A 276 15.98 3.42 14.37
N LYS A 277 14.69 3.12 14.23
CA LYS A 277 14.22 1.75 14.34
C LYS A 277 13.36 1.35 13.14
N GLY A 278 13.61 1.94 11.97
CA GLY A 278 12.85 1.62 10.78
C GLY A 278 11.54 2.38 10.71
N LYS A 279 10.90 2.28 9.55
CA LYS A 279 9.66 3.01 9.32
C LYS A 279 8.46 2.28 9.91
N LYS A 280 8.58 0.99 10.21
CA LYS A 280 7.48 0.30 10.87
C LYS A 280 7.22 0.88 12.25
N ARG A 281 8.25 1.01 13.08
CA ARG A 281 7.99 1.49 14.44
C ARG A 281 7.74 2.99 14.46
N LYS A 282 8.42 3.74 13.61
CA LYS A 282 8.17 5.18 13.57
C LYS A 282 6.74 5.48 13.17
N LEU A 283 6.10 4.55 12.45
CA LEU A 283 4.72 4.69 12.02
C LEU A 283 3.80 3.70 12.71
N LYS A 284 4.20 3.21 13.90
CA LYS A 284 3.42 2.17 14.56
C LYS A 284 2.06 2.68 15.00
N ALA A 285 1.95 3.97 15.28
CA ALA A 285 0.66 4.52 15.69
C ALA A 285 -0.21 4.88 14.51
N VAL A 286 0.40 5.16 13.35
CA VAL A 286 -0.40 5.51 12.18
C VAL A 286 -1.14 4.30 11.65
N ASP A 287 -0.48 3.13 11.67
CA ASP A 287 -1.06 1.93 11.07
C ASP A 287 -2.34 1.49 11.75
N LYS A 288 -2.53 1.84 13.02
CA LYS A 288 -3.77 1.44 13.70
C LYS A 288 -4.98 2.09 13.04
N TYR A 289 -4.87 3.36 12.69
CA TYR A 289 -6.03 4.07 12.17
C TYR A 289 -6.35 3.73 10.73
N HIS A 290 -5.42 3.14 9.99
CA HIS A 290 -5.72 2.67 8.65
C HIS A 290 -6.57 1.42 8.67
N LYS A 291 -6.37 0.55 9.64
CA LYS A 291 -7.24 -0.60 9.83
C LYS A 291 -8.52 -0.25 10.57
N THR A 292 -8.46 0.67 11.52
CA THR A 292 -9.67 1.06 12.25
C THR A 292 -10.70 1.68 11.31
N GLU A 293 -10.26 2.60 10.46
CA GLU A 293 -11.17 3.22 9.51
C GLU A 293 -11.71 2.23 8.47
N SER A 294 -10.85 1.36 7.95
CA SER A 294 -11.32 0.36 6.99
C SER A 294 -12.35 -0.57 7.61
N ASN A 295 -12.06 -1.08 8.81
CA ASN A 295 -12.99 -1.95 9.50
C ASN A 295 -14.29 -1.22 9.83
N TYR A 296 -14.20 0.03 10.27
CA TYR A 296 -15.39 0.79 10.61
C TYR A 296 -16.28 1.00 9.39
N VAL A 297 -15.70 1.40 8.26
CA VAL A 297 -16.51 1.64 7.07
C VAL A 297 -17.07 0.33 6.53
N ALA A 298 -16.29 -0.76 6.61
CA ALA A 298 -16.79 -2.04 6.16
C ALA A 298 -17.92 -2.54 7.03
N HIS A 299 -17.93 -2.19 8.30
CA HIS A 299 -19.04 -2.57 9.16
C HIS A 299 -20.26 -1.70 8.93
N ARG A 300 -20.08 -0.40 8.71
CA ARG A 300 -21.23 0.47 8.50
C ARG A 300 -21.89 0.17 7.15
N ILE A 301 -21.09 -0.13 6.12
CA ILE A 301 -21.66 -0.54 4.86
C ILE A 301 -22.40 -1.85 5.01
N HIS A 302 -21.86 -2.77 5.81
CA HIS A 302 -22.56 -4.03 6.05
C HIS A 302 -23.90 -3.78 6.72
N VAL A 303 -23.93 -2.93 7.73
CA VAL A 303 -25.18 -2.68 8.45
C VAL A 303 -26.20 -2.01 7.54
N TYR A 304 -25.75 -1.06 6.72
CA TYR A 304 -26.68 -0.38 5.81
C TYR A 304 -27.20 -1.34 4.73
N SER A 305 -26.30 -2.14 4.16
CA SER A 305 -26.69 -3.11 3.15
C SER A 305 -27.63 -4.16 3.69
N ARG A 306 -27.51 -4.49 4.98
CA ARG A 306 -28.49 -5.38 5.60
C ARG A 306 -29.79 -4.68 5.94
N LYS A 307 -29.75 -3.43 6.40
CA LYS A 307 -30.99 -2.71 6.68
C LYS A 307 -31.76 -2.35 5.41
N LEU A 308 -31.11 -2.40 4.26
CA LEU A 308 -31.82 -2.21 3.00
C LEU A 308 -32.57 -3.47 2.58
N ILE A 309 -31.85 -4.60 2.52
CA ILE A 309 -32.49 -5.87 2.20
C ILE A 309 -33.52 -6.22 3.25
N ASP A 310 -33.32 -5.77 4.48
CA ASP A 310 -34.33 -5.99 5.51
C ASP A 310 -35.62 -5.28 5.18
N PHE A 311 -35.56 -4.04 4.69
CA PHE A 311 -36.81 -3.36 4.35
C PHE A 311 -37.43 -3.99 3.11
N CYS A 312 -36.59 -4.44 2.18
CA CYS A 312 -37.12 -5.15 1.01
C CYS A 312 -37.87 -6.41 1.43
N ILE A 313 -37.32 -7.16 2.39
CA ILE A 313 -37.96 -8.39 2.82
C ILE A 313 -39.21 -8.10 3.65
N LYS A 314 -39.17 -7.04 4.47
CA LYS A 314 -40.25 -6.81 5.43
C LYS A 314 -41.58 -6.54 4.75
N HIS A 315 -41.59 -5.73 3.68
CA HIS A 315 -42.81 -5.45 2.93
C HIS A 315 -42.97 -6.37 1.74
N GLN A 316 -42.22 -7.48 1.69
CA GLN A 316 -42.33 -8.47 0.63
C GLN A 316 -42.09 -7.83 -0.74
N ALA A 317 -41.02 -7.04 -0.83
CA ALA A 317 -40.64 -6.40 -2.08
C ALA A 317 -39.94 -7.42 -2.97
N GLY A 318 -40.47 -7.61 -4.16
CA GLY A 318 -39.91 -8.60 -5.07
C GLY A 318 -38.72 -8.11 -5.86
N THR A 319 -38.60 -6.79 -6.02
CA THR A 319 -37.46 -6.20 -6.71
C THR A 319 -37.25 -4.79 -6.19
N LEU A 320 -35.99 -4.40 -6.06
CA LEU A 320 -35.61 -3.09 -5.54
C LEU A 320 -34.82 -2.35 -6.60
N ILE A 321 -35.06 -1.04 -6.72
CA ILE A 321 -34.47 -0.21 -7.75
C ILE A 321 -33.44 0.69 -7.09
N LEU A 322 -32.21 0.69 -7.61
CA LEU A 322 -31.17 1.58 -7.13
C LEU A 322 -30.91 2.69 -8.14
N MET A 323 -31.32 3.91 -7.79
CA MET A 323 -31.18 5.08 -8.65
C MET A 323 -29.91 5.81 -8.24
N ASN A 324 -28.82 5.56 -8.95
CA ASN A 324 -27.55 6.24 -8.70
C ASN A 324 -27.65 7.67 -9.21
N GLN A 325 -27.75 8.62 -8.28
CA GLN A 325 -27.92 10.03 -8.59
C GLN A 325 -29.00 10.23 -9.64
N GLU A 326 -28.60 10.46 -10.89
CA GLU A 326 -29.53 10.69 -11.99
C GLU A 326 -30.47 11.84 -11.67
N ASP A 327 -29.90 12.95 -11.22
CA ASP A 327 -30.67 14.12 -10.81
C ASP A 327 -30.66 15.16 -11.92
N LYS A 328 -31.86 15.59 -12.33
CA LYS A 328 -32.03 16.63 -13.35
C LYS A 328 -31.34 16.25 -14.66
N VAL A 329 -31.42 14.95 -15.00
CA VAL A 329 -30.91 14.36 -16.24
C VAL A 329 -29.56 14.99 -16.66
N GLY A 330 -28.53 14.73 -15.86
CA GLY A 330 -27.21 15.25 -16.17
C GLY A 330 -27.01 16.70 -15.82
N ILE A 331 -27.09 17.02 -14.53
CA ILE A 331 -26.92 18.37 -14.04
C ILE A 331 -25.51 18.52 -13.48
N ALA A 332 -25.13 19.76 -13.20
CA ALA A 332 -23.80 20.05 -12.67
C ALA A 332 -23.63 19.42 -11.29
N LYS A 333 -22.38 19.37 -10.83
CA LYS A 333 -22.05 18.70 -9.58
C LYS A 333 -22.44 19.58 -8.40
N GLU A 334 -23.19 19.00 -7.45
CA GLU A 334 -23.48 19.66 -6.19
C GLU A 334 -22.28 19.47 -5.26
N GLU A 335 -22.45 19.81 -3.97
CA GLU A 335 -21.35 19.63 -3.04
C GLU A 335 -20.99 18.15 -2.92
N GLU A 336 -21.88 17.37 -2.31
CA GLU A 336 -21.84 15.91 -2.30
C GLU A 336 -23.01 15.40 -1.46
N PHE A 337 -23.36 14.14 -1.69
CA PHE A 337 -24.21 13.40 -0.78
C PHE A 337 -23.45 12.15 -0.31
N VAL A 338 -23.74 11.75 0.93
CA VAL A 338 -22.94 10.71 1.57
C VAL A 338 -22.98 9.43 0.72
N LEU A 339 -21.95 8.61 0.90
CA LEU A 339 -21.74 7.32 0.22
C LEU A 339 -21.28 7.49 -1.22
N ARG A 340 -21.14 8.72 -1.72
CA ARG A 340 -20.62 9.00 -3.05
C ARG A 340 -21.40 8.28 -4.14
N ASN A 341 -20.83 7.21 -4.69
CA ASN A 341 -21.44 6.46 -5.77
C ASN A 341 -21.90 5.11 -5.24
N TRP A 342 -22.51 4.31 -6.11
CA TRP A 342 -23.06 3.03 -5.73
C TRP A 342 -22.03 1.92 -5.75
N SER A 343 -20.75 2.25 -5.75
CA SER A 343 -19.70 1.27 -5.50
C SER A 343 -18.62 1.88 -4.61
N TYR A 344 -19.04 2.59 -3.57
CA TYR A 344 -18.13 3.25 -2.64
C TYR A 344 -17.14 2.25 -2.05
N TYR A 345 -17.66 1.32 -1.25
CA TYR A 345 -16.86 0.32 -0.57
C TYR A 345 -17.50 -1.05 -0.75
N GLU A 346 -17.79 -1.36 -2.00
CA GLU A 346 -18.43 -2.61 -2.41
C GLU A 346 -19.88 -2.68 -1.96
N LEU A 347 -20.57 -1.53 -1.89
CA LEU A 347 -21.95 -1.54 -1.47
C LEU A 347 -22.84 -2.23 -2.50
N MET A 348 -22.56 -2.04 -3.80
CA MET A 348 -23.26 -2.81 -4.82
C MET A 348 -22.88 -4.27 -4.77
N THR A 349 -21.58 -4.55 -4.64
CA THR A 349 -21.11 -5.93 -4.57
C THR A 349 -21.72 -6.65 -3.37
N LYS A 350 -21.92 -5.93 -2.27
CA LYS A 350 -22.56 -6.54 -1.11
C LYS A 350 -24.06 -6.65 -1.29
N ILE A 351 -24.70 -5.68 -1.96
CA ILE A 351 -26.15 -5.75 -2.11
C ILE A 351 -26.52 -6.91 -3.03
N LYS A 352 -25.63 -7.24 -3.97
CA LYS A 352 -25.92 -8.30 -4.92
C LYS A 352 -26.14 -9.63 -4.22
N TYR A 353 -25.29 -9.98 -3.26
CA TYR A 353 -25.44 -11.30 -2.64
C TYR A 353 -26.62 -11.33 -1.68
N LYS A 354 -26.87 -10.26 -0.94
CA LYS A 354 -28.02 -10.24 -0.04
C LYS A 354 -29.34 -10.21 -0.81
N ALA A 355 -29.33 -9.78 -2.07
CA ALA A 355 -30.51 -9.93 -2.91
C ALA A 355 -30.61 -11.28 -3.58
N GLU A 356 -29.50 -11.82 -4.08
CA GLU A 356 -29.55 -13.10 -4.78
C GLU A 356 -29.95 -14.23 -3.85
N LYS A 357 -29.42 -14.22 -2.63
CA LYS A 357 -29.85 -15.24 -1.66
C LYS A 357 -31.32 -15.09 -1.31
N ALA A 358 -31.80 -13.86 -1.13
CA ALA A 358 -33.18 -13.66 -0.73
C ALA A 358 -34.17 -13.92 -1.85
N GLY A 359 -33.70 -14.05 -3.09
CA GLY A 359 -34.58 -14.18 -4.23
C GLY A 359 -35.10 -12.87 -4.77
N ILE A 360 -34.79 -11.76 -4.11
CA ILE A 360 -35.22 -10.44 -4.56
C ILE A 360 -34.36 -10.03 -5.74
N GLU A 361 -35.00 -9.54 -6.80
CA GLU A 361 -34.27 -9.05 -7.95
C GLU A 361 -33.76 -7.64 -7.69
N LEU A 362 -32.54 -7.38 -8.14
CA LEU A 362 -31.88 -6.10 -7.94
C LEU A 362 -31.92 -5.30 -9.23
N ILE A 363 -32.35 -4.05 -9.14
CA ILE A 363 -32.47 -3.16 -10.30
C ILE A 363 -31.54 -1.98 -10.09
N ILE A 364 -30.72 -1.69 -11.10
CA ILE A 364 -29.77 -0.58 -11.06
C ILE A 364 -30.32 0.56 -11.90
N GLY A 365 -29.93 1.79 -11.56
CA GLY A 365 -30.36 2.97 -12.29
C GLY A 365 -29.70 4.24 -11.77
N MET B 1 27.86 0.96 -0.48
CA MET B 1 28.43 2.22 -0.04
C MET B 1 27.76 3.39 -0.73
N GLY B 2 27.70 4.53 -0.03
CA GLY B 2 27.12 5.73 -0.59
C GLY B 2 27.90 6.26 -1.78
N LYS B 3 27.24 6.38 -2.93
CA LYS B 3 27.92 6.84 -4.13
C LYS B 3 28.26 8.32 -4.02
N SER B 4 29.32 8.71 -4.73
CA SER B 4 29.77 10.10 -4.73
C SER B 4 28.84 11.02 -5.51
N THR B 5 27.87 10.48 -6.23
CA THR B 5 26.93 11.27 -7.01
C THR B 5 25.50 10.93 -6.60
N LEU B 6 24.67 11.95 -6.50
CA LEU B 6 23.25 11.76 -6.20
C LEU B 6 22.47 11.62 -7.50
N LYS B 7 21.26 11.11 -7.38
CA LYS B 7 20.37 10.87 -8.51
C LYS B 7 19.07 11.60 -8.29
N HIS B 8 18.58 12.30 -9.31
CA HIS B 8 17.32 12.99 -9.26
C HIS B 8 16.43 12.50 -10.40
N THR B 9 15.20 12.11 -10.05
CA THR B 9 14.23 11.62 -11.02
C THR B 9 13.15 12.68 -11.22
N ARG B 10 12.91 13.06 -12.47
CA ARG B 10 11.94 14.10 -12.78
C ARG B 10 11.03 13.64 -13.89
N LYS B 11 9.98 14.43 -14.13
CA LYS B 11 8.96 14.13 -15.14
C LYS B 11 8.67 15.40 -15.91
N ILE B 12 9.35 15.59 -17.03
CA ILE B 12 9.13 16.74 -17.87
C ILE B 12 8.20 16.36 -19.01
N GLN B 13 7.65 17.35 -19.69
CA GLN B 13 6.68 17.13 -20.75
C GLN B 13 7.34 17.32 -22.10
N ILE B 14 7.32 16.28 -22.93
CA ILE B 14 7.96 16.29 -24.24
C ILE B 14 6.87 16.36 -25.30
N LEU B 15 7.03 17.27 -26.26
CA LEU B 15 6.04 17.46 -27.31
C LEU B 15 6.72 17.45 -28.67
N ILE B 16 5.98 16.98 -29.68
CA ILE B 16 6.51 16.86 -31.03
C ILE B 16 6.74 18.27 -31.58
N ASP B 17 7.99 18.59 -31.90
CA ASP B 17 8.35 19.89 -32.48
C ASP B 17 8.37 19.81 -34.00
N LEU B 18 7.20 19.57 -34.57
CA LEU B 18 7.06 19.49 -36.01
C LEU B 18 5.96 20.44 -36.48
N PRO B 19 6.15 21.08 -37.64
CA PRO B 19 5.15 22.07 -38.08
C PRO B 19 3.86 21.45 -38.57
N THR B 20 3.92 20.39 -39.36
CA THR B 20 2.72 19.80 -39.93
C THR B 20 2.07 18.84 -38.94
N LYS B 21 0.76 19.00 -38.75
CA LYS B 21 0.02 18.13 -37.86
C LYS B 21 0.06 16.69 -38.32
N ASP B 22 0.18 16.46 -39.64
CA ASP B 22 0.29 15.10 -40.14
C ASP B 22 1.57 14.44 -39.63
N GLU B 23 2.67 15.17 -39.62
CA GLU B 23 3.90 14.65 -39.05
C GLU B 23 3.74 14.39 -37.55
N LYS B 24 2.98 15.24 -36.86
CA LYS B 24 2.72 15.01 -35.45
C LYS B 24 1.95 13.72 -35.23
N LYS B 25 0.93 13.47 -36.04
CA LYS B 25 0.17 12.22 -35.92
C LYS B 25 1.04 11.01 -36.25
N GLU B 26 1.88 11.14 -37.28
CA GLU B 26 2.78 10.05 -37.63
C GLU B 26 3.73 9.73 -36.48
N VAL B 27 4.31 10.76 -35.86
CA VAL B 27 5.21 10.57 -34.73
C VAL B 27 4.46 9.96 -33.56
N MET B 28 3.21 10.39 -33.33
CA MET B 28 2.43 9.86 -32.21
C MET B 28 2.16 8.37 -32.39
N ASP B 29 1.69 7.98 -33.59
CA ASP B 29 1.40 6.56 -33.80
C ASP B 29 2.68 5.74 -33.81
N MET B 30 3.79 6.29 -34.30
CA MET B 30 5.04 5.57 -34.26
C MET B 30 5.55 5.40 -32.84
N MET B 31 5.33 6.40 -31.98
CA MET B 31 5.65 6.26 -30.56
C MET B 31 4.79 5.17 -29.91
N TYR B 32 3.50 5.13 -30.27
CA TYR B 32 2.62 4.12 -29.70
C TYR B 32 3.03 2.72 -30.13
N GLN B 33 3.38 2.55 -31.41
CA GLN B 33 3.90 1.28 -31.89
C GLN B 33 5.20 0.94 -31.18
N TRP B 34 6.04 1.95 -30.95
CA TRP B 34 7.27 1.74 -30.18
C TRP B 34 6.96 1.15 -28.82
N ARG B 35 5.97 1.70 -28.12
CA ARG B 35 5.65 1.19 -26.78
C ARG B 35 5.08 -0.22 -26.85
N ASP B 36 4.26 -0.50 -27.87
CA ASP B 36 3.72 -1.85 -28.01
C ASP B 36 4.84 -2.87 -28.19
N ARG B 37 5.76 -2.59 -29.11
CA ARG B 37 6.86 -3.51 -29.34
C ARG B 37 7.80 -3.57 -28.14
N CYS B 38 7.95 -2.46 -27.42
CA CYS B 38 8.75 -2.48 -26.20
C CYS B 38 8.14 -3.42 -25.16
N PHE B 39 6.82 -3.36 -24.98
CA PHE B 39 6.17 -4.28 -24.04
C PHE B 39 6.38 -5.72 -24.44
N ARG B 40 6.17 -6.03 -25.73
CA ARG B 40 6.31 -7.41 -26.17
C ARG B 40 7.73 -7.90 -25.95
N ALA B 41 8.71 -7.10 -26.36
CA ALA B 41 10.10 -7.46 -26.17
C ALA B 41 10.42 -7.65 -24.69
N ALA B 42 9.97 -6.73 -23.84
CA ALA B 42 10.32 -6.80 -22.43
C ALA B 42 9.77 -8.05 -21.78
N ASN B 43 8.51 -8.37 -22.06
CA ASN B 43 7.95 -9.60 -21.48
C ASN B 43 8.70 -10.82 -21.97
N ILE B 44 9.03 -10.86 -23.27
CA ILE B 44 9.75 -12.01 -23.80
C ILE B 44 11.11 -12.14 -23.12
N ILE B 45 11.82 -11.03 -22.94
CA ILE B 45 13.15 -11.09 -22.34
C ILE B 45 13.07 -11.53 -20.89
N VAL B 46 12.12 -11.00 -20.12
CA VAL B 46 12.06 -11.38 -18.71
C VAL B 46 11.73 -12.85 -18.58
N THR B 47 10.79 -13.37 -19.39
CA THR B 47 10.47 -14.78 -19.28
C THR B 47 11.60 -15.67 -19.76
N HIS B 48 12.29 -15.28 -20.84
CA HIS B 48 13.39 -16.09 -21.34
C HIS B 48 14.53 -16.12 -20.35
N LEU B 49 14.84 -14.99 -19.71
CA LEU B 49 15.91 -14.98 -18.74
C LEU B 49 15.50 -15.78 -17.50
N TYR B 50 14.20 -15.79 -17.18
CA TYR B 50 13.75 -16.68 -16.12
C TYR B 50 13.99 -18.13 -16.49
N VAL B 51 13.69 -18.51 -17.73
CA VAL B 51 13.86 -19.90 -18.16
C VAL B 51 15.33 -20.28 -18.07
N GLN B 52 16.21 -19.40 -18.55
CA GLN B 52 17.65 -19.68 -18.46
C GLN B 52 18.12 -19.76 -17.01
N GLU B 53 17.54 -18.96 -16.12
CA GLU B 53 17.92 -19.02 -14.72
C GLU B 53 17.45 -20.29 -14.03
N MET B 54 16.24 -20.75 -14.34
CA MET B 54 15.59 -21.82 -13.59
C MET B 54 15.70 -23.15 -14.31
N ILE B 55 16.85 -23.40 -14.94
CA ILE B 55 17.04 -24.63 -15.70
C ILE B 55 16.90 -25.86 -14.83
N LYS B 56 17.09 -25.71 -13.52
CA LYS B 56 16.99 -26.86 -12.62
C LYS B 56 15.53 -27.29 -12.46
N ASP B 57 14.63 -26.35 -12.26
CA ASP B 57 13.24 -26.66 -11.96
C ASP B 57 12.38 -26.84 -13.21
N PHE B 58 12.91 -26.52 -14.39
CA PHE B 58 12.16 -26.59 -15.64
C PHE B 58 12.44 -27.90 -16.37
N PHE B 59 12.61 -28.98 -15.61
CA PHE B 59 12.80 -30.30 -16.21
C PHE B 59 11.65 -30.71 -17.11
N TYR B 60 10.44 -30.23 -16.83
CA TYR B 60 9.28 -30.55 -17.64
C TYR B 60 9.15 -29.65 -18.85
N LEU B 61 10.07 -28.70 -19.03
CA LEU B 61 10.00 -27.79 -20.15
C LEU B 61 10.51 -28.49 -21.41
N SER B 62 9.67 -28.55 -22.42
CA SER B 62 10.03 -29.19 -23.69
C SER B 62 10.94 -28.25 -24.48
N GLU B 63 12.09 -28.76 -24.91
CA GLU B 63 13.08 -27.95 -25.60
C GLU B 63 12.54 -27.42 -26.92
N SER B 83 27.91 -13.36 -23.84
CA SER B 83 27.16 -13.41 -22.59
C SER B 83 25.68 -13.67 -22.85
N ARG B 84 24.85 -13.42 -21.83
CA ARG B 84 23.42 -13.62 -21.94
C ARG B 84 22.73 -12.56 -22.80
N MET B 85 23.42 -11.46 -23.12
CA MET B 85 22.85 -10.43 -23.96
C MET B 85 22.55 -10.95 -25.35
N ASN B 86 23.51 -11.67 -25.94
CA ASN B 86 23.54 -11.85 -27.39
C ASN B 86 22.33 -12.63 -27.90
N THR B 87 22.09 -13.82 -27.34
CA THR B 87 21.06 -14.70 -27.89
C THR B 87 19.69 -14.05 -27.80
N THR B 88 19.31 -13.59 -26.61
CA THR B 88 17.99 -12.99 -26.43
C THR B 88 17.84 -11.72 -27.26
N TYR B 89 18.82 -10.82 -27.19
CA TYR B 89 18.68 -9.55 -27.89
C TYR B 89 18.62 -9.77 -29.40
N ARG B 90 19.43 -10.70 -29.92
CA ARG B 90 19.41 -10.96 -31.36
C ARG B 90 18.12 -11.63 -31.80
N VAL B 91 17.59 -12.56 -30.99
CA VAL B 91 16.33 -13.20 -31.36
C VAL B 91 15.21 -12.16 -31.41
N VAL B 92 15.13 -11.31 -30.38
CA VAL B 92 14.11 -10.27 -30.39
C VAL B 92 14.35 -9.28 -31.52
N SER B 93 15.61 -9.06 -31.87
CA SER B 93 15.95 -8.13 -32.93
C SER B 93 15.45 -8.65 -34.28
N ASP B 94 15.79 -9.90 -34.61
CA ASP B 94 15.33 -10.46 -35.86
C ASP B 94 13.81 -10.61 -35.88
N ARG B 95 13.19 -10.76 -34.71
CA ARG B 95 11.74 -10.74 -34.67
C ARG B 95 11.20 -9.35 -35.00
N PHE B 96 11.91 -8.30 -34.63
CA PHE B 96 11.43 -6.93 -34.78
C PHE B 96 12.49 -6.05 -35.44
N LYS B 97 13.11 -6.55 -36.50
CA LYS B 97 14.05 -5.73 -37.26
C LYS B 97 13.30 -4.91 -38.30
N GLY B 98 13.61 -3.62 -38.35
CA GLY B 98 12.99 -2.69 -39.28
C GLY B 98 11.70 -2.06 -38.78
N GLU B 99 10.97 -2.77 -37.92
CA GLU B 99 9.75 -2.23 -37.34
C GLU B 99 9.97 -1.57 -35.98
N MET B 100 11.17 -1.65 -35.41
CA MET B 100 11.42 -1.05 -34.11
C MET B 100 12.89 -0.67 -33.98
N PRO B 101 13.20 0.51 -33.43
CA PRO B 101 14.60 0.94 -33.32
C PRO B 101 15.42 0.01 -32.43
N THR B 102 16.70 -0.12 -32.77
CA THR B 102 17.57 -1.10 -32.14
C THR B 102 18.11 -0.64 -30.80
N ASN B 103 18.46 0.65 -30.69
CA ASN B 103 19.04 1.13 -29.44
C ASN B 103 18.02 1.13 -28.32
N ILE B 104 16.73 1.33 -28.63
CA ILE B 104 15.70 1.23 -27.61
C ILE B 104 15.62 -0.20 -27.07
N LEU B 105 15.67 -1.18 -27.98
CA LEU B 105 15.72 -2.57 -27.53
C LEU B 105 16.95 -2.83 -26.67
N SER B 106 18.08 -2.25 -27.05
CA SER B 106 19.30 -2.46 -26.28
C SER B 106 19.14 -1.91 -24.87
N THR B 107 18.59 -0.69 -24.75
CA THR B 107 18.39 -0.09 -23.43
C THR B 107 17.42 -0.90 -22.59
N LEU B 108 16.32 -1.35 -23.20
CA LEU B 108 15.34 -2.15 -22.47
C LEU B 108 15.95 -3.45 -21.99
N ASN B 109 16.72 -4.11 -22.85
CA ASN B 109 17.34 -5.38 -22.50
C ASN B 109 18.34 -5.19 -21.37
N HIS B 110 19.15 -4.13 -21.44
CA HIS B 110 20.12 -3.88 -20.38
C HIS B 110 19.43 -3.60 -19.06
N GLY B 111 18.38 -2.77 -19.08
CA GLY B 111 17.65 -2.48 -17.85
C GLY B 111 17.02 -3.71 -17.24
N LEU B 112 16.39 -4.55 -18.07
CA LEU B 112 15.74 -5.74 -17.56
C LEU B 112 16.72 -6.76 -17.03
N ILE B 113 17.87 -6.93 -17.68
CA ILE B 113 18.87 -7.84 -17.12
C ILE B 113 19.44 -7.31 -15.81
N SER B 114 19.62 -6.00 -15.69
CA SER B 114 20.04 -5.45 -14.40
C SER B 114 19.00 -5.76 -13.32
N SER B 115 17.72 -5.53 -13.64
CA SER B 115 16.67 -5.79 -12.65
C SER B 115 16.62 -7.27 -12.26
N PHE B 116 16.75 -8.16 -13.24
CA PHE B 116 16.64 -9.59 -12.95
C PHE B 116 17.84 -10.07 -12.14
N ASN B 117 19.04 -9.57 -12.46
CA ASN B 117 20.19 -9.89 -11.63
C ASN B 117 19.99 -9.37 -10.21
N LYS B 118 19.24 -8.28 -10.04
CA LYS B 118 18.97 -7.79 -8.70
C LYS B 118 17.99 -8.67 -7.95
N ASN B 119 16.91 -9.10 -8.61
CA ASN B 119 15.82 -9.81 -7.94
C ASN B 119 15.86 -11.32 -8.14
N ARG B 120 16.98 -11.86 -8.60
CA ARG B 120 17.10 -13.30 -8.83
C ARG B 120 16.90 -14.10 -7.54
N VAL B 121 17.50 -13.64 -6.44
CA VAL B 121 17.38 -14.38 -5.19
C VAL B 121 15.93 -14.40 -4.72
N GLN B 122 15.25 -13.27 -4.81
CA GLN B 122 13.85 -13.21 -4.42
C GLN B 122 13.01 -14.13 -5.29
N TYR B 123 13.33 -14.20 -6.59
CA TYR B 123 12.53 -15.04 -7.47
C TYR B 123 12.77 -16.51 -7.19
N TRP B 124 14.00 -16.87 -6.80
CA TRP B 124 14.29 -18.26 -6.46
C TRP B 124 13.65 -18.67 -5.15
N LYS B 125 13.71 -17.80 -4.14
CA LYS B 125 13.11 -18.14 -2.85
C LYS B 125 11.58 -18.11 -2.90
N GLY B 126 10.99 -17.46 -3.89
CA GLY B 126 9.56 -17.40 -4.00
C GLY B 126 8.90 -16.23 -3.31
N GLU B 127 9.65 -15.24 -2.85
CA GLU B 127 9.03 -14.07 -2.26
C GLU B 127 8.20 -13.30 -3.27
N ARG B 128 8.79 -12.96 -4.41
CA ARG B 128 8.18 -12.06 -5.38
C ARG B 128 7.95 -12.79 -6.69
N SER B 129 6.76 -12.64 -7.24
CA SER B 129 6.45 -13.23 -8.54
C SER B 129 7.10 -12.43 -9.65
N LEU B 130 7.04 -12.95 -10.86
CA LEU B 130 7.66 -12.28 -11.99
C LEU B 130 6.79 -11.10 -12.41
N PRO B 131 7.29 -9.88 -12.34
CA PRO B 131 6.45 -8.72 -12.69
C PRO B 131 6.22 -8.64 -14.17
N ASN B 132 5.01 -8.98 -14.61
CA ASN B 132 4.69 -8.88 -16.03
C ASN B 132 4.57 -7.41 -16.41
N PHE B 133 5.49 -6.95 -17.24
CA PHE B 133 5.44 -5.57 -17.71
C PHE B 133 4.25 -5.45 -18.64
N LYS B 134 3.30 -4.60 -18.28
CA LYS B 134 2.07 -4.51 -19.03
C LYS B 134 2.29 -3.69 -20.31
N LYS B 135 1.20 -3.48 -21.05
CA LYS B 135 1.28 -2.71 -22.27
C LYS B 135 1.64 -1.25 -22.03
N ASP B 136 1.29 -0.71 -20.86
CA ASP B 136 1.49 0.71 -20.55
C ASP B 136 2.85 1.01 -19.92
N MET B 137 3.85 0.17 -20.16
CA MET B 137 5.20 0.41 -19.65
C MET B 137 5.79 1.68 -20.27
N ALA B 138 6.56 2.42 -19.48
CA ALA B 138 7.27 3.61 -19.94
C ALA B 138 8.54 3.16 -20.67
N PHE B 139 8.51 3.19 -22.00
CA PHE B 139 9.56 2.54 -22.77
C PHE B 139 10.86 3.32 -22.67
N PRO B 140 11.99 2.64 -22.47
CA PRO B 140 13.24 3.34 -22.20
C PRO B 140 13.95 3.75 -23.48
N PHE B 141 14.91 4.68 -23.31
CA PHE B 141 15.74 5.12 -24.42
C PHE B 141 17.15 5.40 -23.89
N GLY B 142 18.15 5.14 -24.74
CA GLY B 142 19.53 5.31 -24.35
C GLY B 142 20.10 6.66 -24.73
N LEU B 143 21.39 6.81 -24.48
CA LEU B 143 22.08 8.06 -24.79
C LEU B 143 22.23 8.26 -26.29
N GLN B 144 22.47 7.19 -27.04
CA GLN B 144 22.69 7.30 -28.48
C GLN B 144 21.42 7.72 -29.22
N GLY B 145 20.27 7.71 -28.57
CA GLY B 145 19.05 8.09 -29.23
C GLY B 145 18.75 9.57 -29.15
N ILE B 146 18.98 10.16 -27.97
CA ILE B 146 18.73 11.58 -27.79
C ILE B 146 19.83 12.38 -28.50
N SER B 147 19.46 13.55 -29.01
CA SER B 147 20.43 14.40 -29.70
C SER B 147 19.94 15.84 -29.68
N ARG B 148 20.89 16.76 -29.87
CA ARG B 148 20.62 18.20 -29.96
C ARG B 148 19.89 18.72 -28.73
N LEU B 149 20.30 18.24 -27.56
CA LEU B 149 19.71 18.68 -26.29
C LEU B 149 20.28 20.04 -25.94
N VAL B 150 19.62 21.09 -26.44
CA VAL B 150 20.05 22.46 -26.22
C VAL B 150 18.86 23.32 -25.84
N TYR B 151 19.13 24.43 -25.16
CA TYR B 151 18.09 25.37 -24.75
C TYR B 151 17.95 26.47 -25.79
N ASP B 152 16.74 26.65 -26.31
CA ASP B 152 16.43 27.69 -27.27
C ASP B 152 15.78 28.85 -26.53
N GLU B 153 16.42 30.02 -26.56
CA GLU B 153 15.84 31.21 -25.98
C GLU B 153 14.71 31.76 -26.85
N GLU B 154 14.76 31.54 -28.16
CA GLU B 154 13.69 32.01 -29.04
C GLU B 154 12.39 31.27 -28.76
N LYS B 155 12.46 29.97 -28.58
CA LYS B 155 11.32 29.20 -28.08
C LYS B 155 11.16 29.31 -26.57
N LYS B 156 12.15 29.87 -25.87
CA LYS B 156 12.14 30.00 -24.42
C LYS B 156 11.94 28.65 -23.74
N ALA B 157 12.54 27.60 -24.29
CA ALA B 157 12.39 26.26 -23.75
C ALA B 157 13.51 25.38 -24.25
N PHE B 158 13.65 24.21 -23.65
CA PHE B 158 14.63 23.25 -24.11
C PHE B 158 14.09 22.46 -25.29
N CYS B 159 14.99 22.11 -26.21
CA CYS B 159 14.64 21.33 -27.39
C CYS B 159 15.71 20.28 -27.61
N PHE B 160 15.29 19.18 -28.25
CA PHE B 160 16.19 18.05 -28.50
C PHE B 160 15.64 17.24 -29.65
N ARG B 161 16.40 16.22 -30.03
CA ARG B 161 16.03 15.34 -31.14
C ARG B 161 16.18 13.90 -30.68
N LEU B 162 15.06 13.21 -30.53
CA LEU B 162 15.03 11.80 -30.12
C LEU B 162 14.80 10.95 -31.35
N TYR B 163 15.80 10.16 -31.71
CA TYR B 163 15.74 9.25 -32.86
C TYR B 163 15.26 9.99 -34.11
N ARG B 164 15.97 11.07 -34.42
CA ARG B 164 15.71 11.91 -35.60
C ARG B 164 14.31 12.51 -35.57
N VAL B 165 13.69 12.59 -34.40
CA VAL B 165 12.39 13.22 -34.24
C VAL B 165 12.56 14.46 -33.38
N PRO B 166 12.26 15.65 -33.88
CA PRO B 166 12.38 16.85 -33.04
C PRO B 166 11.37 16.82 -31.89
N PHE B 167 11.77 17.44 -30.78
CA PHE B 167 10.95 17.48 -29.58
C PHE B 167 11.30 18.73 -28.79
N LYS B 168 10.31 19.23 -28.07
CA LYS B 168 10.45 20.42 -27.24
C LYS B 168 9.90 20.14 -25.85
N THR B 169 10.33 20.95 -24.89
CA THR B 169 9.90 20.80 -23.50
C THR B 169 8.83 21.82 -23.16
N TYR B 170 7.72 21.34 -22.60
CA TYR B 170 6.67 22.21 -22.09
C TYR B 170 6.65 22.06 -20.57
N LEU B 171 7.52 22.81 -19.91
CA LEU B 171 7.60 22.73 -18.46
C LEU B 171 6.45 23.47 -17.79
N GLY B 172 5.73 24.31 -18.53
CA GLY B 172 4.62 25.04 -17.98
C GLY B 172 5.07 26.09 -16.97
N LYS B 173 4.17 26.43 -16.05
CA LYS B 173 4.48 27.38 -14.98
C LYS B 173 5.23 26.70 -13.85
N ASP B 174 6.34 26.04 -14.19
CA ASP B 174 7.13 25.28 -13.22
C ASP B 174 8.20 26.18 -12.63
N PHE B 175 8.12 26.41 -11.33
CA PHE B 175 9.16 27.10 -10.59
C PHE B 175 10.08 26.15 -9.84
N THR B 176 10.00 24.86 -10.15
CA THR B 176 10.74 23.84 -9.43
C THR B 176 12.14 23.68 -10.01
N ASP B 177 12.86 22.65 -9.56
CA ASP B 177 14.27 22.46 -9.86
C ASP B 177 14.51 21.98 -11.28
N LYS B 178 13.46 21.56 -12.00
CA LYS B 178 13.64 20.90 -13.30
C LYS B 178 14.31 21.82 -14.31
N ARG B 179 13.91 23.08 -14.35
CA ARG B 179 14.41 24.00 -15.37
C ARG B 179 15.92 24.15 -15.29
N MET B 180 16.44 24.44 -14.09
CA MET B 180 17.87 24.67 -13.98
C MET B 180 18.64 23.35 -13.91
N LEU B 181 17.96 22.27 -13.52
CA LEU B 181 18.51 20.93 -13.75
C LEU B 181 18.86 20.75 -15.22
N LEU B 182 17.89 21.01 -16.10
CA LEU B 182 18.14 20.90 -17.53
C LEU B 182 19.15 21.95 -17.99
N GLU B 183 19.20 23.10 -17.31
CA GLU B 183 20.19 24.11 -17.64
C GLU B 183 21.60 23.58 -17.47
N ARG B 184 21.92 23.02 -16.30
CA ARG B 184 23.25 22.41 -16.20
C ARG B 184 23.38 21.16 -17.05
N LEU B 185 22.28 20.44 -17.30
CA LEU B 185 22.38 19.23 -18.12
C LEU B 185 22.86 19.57 -19.54
N VAL B 186 22.28 20.61 -20.13
CA VAL B 186 22.79 21.08 -21.42
C VAL B 186 24.12 21.78 -21.23
N LYS B 187 24.42 22.26 -20.02
CA LYS B 187 25.73 22.79 -19.73
C LYS B 187 26.78 21.71 -19.50
N GLY B 188 26.35 20.44 -19.40
CA GLY B 188 27.28 19.34 -19.29
C GLY B 188 27.76 19.02 -17.90
N ASP B 189 27.29 19.74 -16.88
CA ASP B 189 27.70 19.46 -15.51
C ASP B 189 27.05 18.22 -14.94
N VAL B 190 26.05 17.65 -15.60
CA VAL B 190 25.29 16.52 -15.08
C VAL B 190 25.26 15.43 -16.14
N LYS B 191 25.54 14.20 -15.72
CA LYS B 191 25.46 13.05 -16.61
C LYS B 191 24.03 12.52 -16.64
N LEU B 192 23.53 12.24 -17.84
CA LEU B 192 22.16 11.82 -18.02
C LEU B 192 22.08 10.30 -18.04
N CYS B 193 21.34 9.73 -17.09
CA CYS B 193 21.26 8.29 -16.92
C CYS B 193 20.26 7.70 -17.92
N ALA B 194 20.05 6.39 -17.81
CA ALA B 194 19.09 5.71 -18.66
C ALA B 194 17.68 6.16 -18.29
N SER B 195 17.04 6.91 -19.19
CA SER B 195 15.74 7.49 -18.93
C SER B 195 14.67 6.82 -19.79
N ASN B 196 13.42 7.11 -19.46
CA ASN B 196 12.28 6.45 -20.09
C ASN B 196 11.30 7.49 -20.61
N ILE B 197 10.50 7.09 -21.59
CA ILE B 197 9.41 7.89 -22.12
C ILE B 197 8.12 7.23 -21.69
N GLN B 198 7.27 7.97 -21.00
CA GLN B 198 6.01 7.47 -20.47
C GLN B 198 4.86 8.11 -21.24
N LEU B 199 3.87 7.31 -21.58
CA LEU B 199 2.69 7.79 -22.28
C LEU B 199 1.49 7.61 -21.36
N ASN B 200 0.77 8.71 -21.11
CA ASN B 200 -0.38 8.65 -20.20
C ASN B 200 -1.45 9.59 -20.72
N GLY B 201 -2.57 9.03 -21.17
CA GLY B 201 -3.71 9.82 -21.60
C GLY B 201 -3.41 10.77 -22.73
N GLY B 202 -2.56 10.36 -23.67
CA GLY B 202 -2.16 11.22 -24.76
C GLY B 202 -1.09 12.23 -24.41
N LYS B 203 -0.59 12.21 -23.17
CA LYS B 203 0.48 13.11 -22.75
C LYS B 203 1.79 12.33 -22.71
N ILE B 204 2.83 12.92 -23.26
CA ILE B 204 4.13 12.27 -23.36
C ILE B 204 5.08 12.92 -22.37
N PHE B 205 5.53 12.14 -21.39
CA PHE B 205 6.46 12.61 -20.37
C PHE B 205 7.79 11.91 -20.53
N TRP B 206 8.84 12.58 -20.09
CA TRP B 206 10.21 12.07 -20.12
C TRP B 206 10.65 11.83 -18.69
N LEU B 207 10.51 10.58 -18.22
CA LEU B 207 11.01 10.20 -16.91
C LEU B 207 12.52 10.21 -17.02
N ALA B 208 13.12 11.33 -16.64
CA ALA B 208 14.55 11.56 -16.79
C ALA B 208 15.25 11.42 -15.44
N VAL B 209 16.35 10.67 -15.45
CA VAL B 209 17.18 10.44 -14.28
C VAL B 209 18.49 11.16 -14.49
N PHE B 210 18.73 12.19 -13.69
CA PHE B 210 19.96 12.98 -13.78
C PHE B 210 20.92 12.57 -12.67
N GLU B 211 22.18 12.40 -13.02
CA GLU B 211 23.23 12.10 -12.05
C GLU B 211 24.03 13.36 -11.78
N ILE B 212 23.92 13.88 -10.56
CA ILE B 212 24.56 15.14 -10.18
C ILE B 212 25.69 14.82 -9.21
N GLU B 213 26.88 15.30 -9.53
CA GLU B 213 28.03 15.09 -8.66
C GLU B 213 27.82 15.80 -7.34
N LYS B 214 28.03 15.07 -6.24
CA LYS B 214 27.90 15.66 -4.92
C LYS B 214 29.11 16.53 -4.61
N GLU B 215 29.02 17.82 -4.94
CA GLU B 215 30.08 18.75 -4.61
C GLU B 215 30.22 18.88 -3.10
N LYS B 216 31.46 19.01 -2.64
CA LYS B 216 31.71 19.16 -1.22
C LYS B 216 31.06 20.45 -0.73
N HIS B 217 29.97 20.34 0.02
CA HIS B 217 29.20 21.50 0.41
C HIS B 217 30.02 22.34 1.38
N SER B 218 30.61 23.42 0.87
CA SER B 218 31.45 24.29 1.68
C SER B 218 30.56 25.30 2.39
N LEU B 219 30.70 25.40 3.70
CA LEU B 219 29.85 26.28 4.49
C LEU B 219 30.17 27.72 4.12
N LYS B 220 29.29 28.34 3.35
CA LYS B 220 29.56 29.68 2.84
C LYS B 220 29.37 30.70 3.95
N PRO B 221 30.42 31.44 4.34
CA PRO B 221 30.29 32.38 5.46
C PRO B 221 29.43 33.58 5.15
N GLU B 222 29.12 33.84 3.89
CA GLU B 222 28.45 35.09 3.53
C GLU B 222 26.93 34.98 3.52
N VAL B 223 26.37 33.78 3.51
CA VAL B 223 24.92 33.62 3.44
C VAL B 223 24.35 33.53 4.85
N ILE B 224 23.23 34.19 5.07
CA ILE B 224 22.68 34.43 6.39
C ILE B 224 21.60 33.40 6.69
N ALA B 225 21.43 33.10 7.98
CA ALA B 225 20.35 32.25 8.46
C ALA B 225 19.79 32.86 9.74
N GLU B 226 18.48 32.82 9.89
CA GLU B 226 17.79 33.39 11.03
C GLU B 226 16.89 32.34 11.67
N ALA B 227 17.06 32.11 12.97
CA ALA B 227 16.28 31.13 13.68
C ALA B 227 15.54 31.80 14.82
N SER B 228 14.27 31.44 14.99
CA SER B 228 13.42 32.11 15.96
C SER B 228 12.59 31.07 16.70
N LEU B 229 12.15 31.46 17.89
CA LEU B 229 11.31 30.62 18.74
C LEU B 229 9.88 31.12 18.57
N SER B 230 9.17 30.58 17.58
CA SER B 230 7.84 31.04 17.27
C SER B 230 6.85 30.57 18.32
N LEU B 231 5.64 31.13 18.26
CA LEU B 231 4.58 30.76 19.17
C LEU B 231 3.92 29.44 18.81
N GLU B 232 3.76 29.15 17.52
CA GLU B 232 3.09 27.95 17.05
C GLU B 232 4.05 26.82 16.75
N TYR B 233 5.24 27.15 16.28
CA TYR B 233 6.28 26.17 16.09
C TYR B 233 7.47 26.48 17.00
N PRO B 234 8.11 25.47 17.59
CA PRO B 234 9.20 25.76 18.54
C PRO B 234 10.40 26.44 17.90
N ILE B 235 10.85 25.96 16.74
CA ILE B 235 11.94 26.58 16.01
C ILE B 235 11.46 26.83 14.59
N VAL B 236 11.68 28.05 14.10
CA VAL B 236 11.43 28.39 12.71
C VAL B 236 12.71 28.97 12.15
N VAL B 237 13.14 28.45 11.00
CA VAL B 237 14.41 28.86 10.42
C VAL B 237 14.18 29.39 9.01
N LYS B 238 14.86 30.50 8.71
CA LYS B 238 14.77 31.17 7.41
C LYS B 238 16.16 31.34 6.86
N THR B 239 16.37 30.86 5.63
CA THR B 239 17.69 30.95 5.01
C THR B 239 17.49 31.13 3.52
N GLY B 240 18.06 32.20 2.96
CA GLY B 240 17.88 32.49 1.55
C GLY B 240 16.41 32.65 1.23
N LYS B 241 15.94 31.90 0.23
CA LYS B 241 14.55 31.90 -0.17
C LYS B 241 13.80 30.70 0.38
N ASN B 242 14.27 30.10 1.46
CA ASN B 242 13.60 28.95 2.05
C ASN B 242 13.28 29.19 3.52
N ARG B 243 12.16 28.63 3.96
CA ARG B 243 11.73 28.65 5.34
C ARG B 243 11.35 27.24 5.76
N LEU B 244 11.77 26.83 6.95
CA LEU B 244 11.48 25.50 7.47
C LEU B 244 10.98 25.62 8.91
N THR B 245 9.89 24.92 9.20
CA THR B 245 9.36 24.82 10.54
C THR B 245 9.86 23.55 11.19
N ILE B 246 10.09 23.60 12.50
CA ILE B 246 10.69 22.50 13.22
C ILE B 246 9.67 22.09 14.27
N GLY B 247 8.99 20.98 14.04
CA GLY B 247 8.03 20.50 15.02
C GLY B 247 6.76 21.31 15.06
N THR B 248 5.94 20.99 16.06
CA THR B 248 4.68 21.68 16.31
C THR B 248 4.42 21.66 17.80
N LYS B 249 3.51 22.52 18.24
CA LYS B 249 3.13 22.52 19.64
C LYS B 249 2.47 21.20 20.03
N GLU B 250 1.58 20.70 19.18
CA GLU B 250 0.92 19.43 19.48
C GLU B 250 1.90 18.27 19.49
N GLU B 251 2.83 18.24 18.53
CA GLU B 251 3.79 17.14 18.47
C GLU B 251 4.71 17.17 19.68
N PHE B 252 5.19 18.35 20.06
CA PHE B 252 6.07 18.45 21.21
C PHE B 252 5.34 18.21 22.52
N LEU B 253 4.03 18.45 22.54
CA LEU B 253 3.30 18.38 23.80
C LEU B 253 2.55 17.08 24.01
N TYR B 254 2.42 16.22 23.00
CA TYR B 254 1.66 14.99 23.19
C TYR B 254 2.30 14.09 24.26
N ARG B 255 3.60 13.84 24.13
CA ARG B 255 4.26 12.99 25.10
C ARG B 255 4.27 13.61 26.49
N ARG B 256 4.45 14.93 26.57
CA ARG B 256 4.42 15.59 27.88
C ARG B 256 3.04 15.47 28.53
N LEU B 257 1.98 15.66 27.74
CA LEU B 257 0.64 15.51 28.30
C LEU B 257 0.38 14.08 28.73
N ALA B 258 0.89 13.12 27.97
CA ALA B 258 0.76 11.72 28.39
C ALA B 258 1.47 11.46 29.70
N ILE B 259 2.68 12.00 29.85
CA ILE B 259 3.45 11.81 31.08
C ILE B 259 2.73 12.43 32.26
N GLN B 260 2.21 13.63 32.09
CA GLN B 260 1.50 14.29 33.18
C GLN B 260 0.22 13.53 33.53
N ALA B 261 -0.50 13.02 32.54
CA ALA B 261 -1.71 12.26 32.83
C ALA B 261 -1.38 10.98 33.59
N ALA B 262 -0.30 10.31 33.20
CA ALA B 262 0.12 9.12 33.94
C ALA B 262 0.49 9.46 35.37
N ARG B 263 1.21 10.58 35.57
CA ARG B 263 1.54 11.00 36.93
C ARG B 263 0.29 11.28 37.73
N ARG B 264 -0.69 11.94 37.12
CA ARG B 264 -1.91 12.29 37.83
C ARG B 264 -2.66 11.04 38.27
N ARG B 265 -2.83 10.08 37.37
CA ARG B 265 -3.56 8.88 37.72
C ARG B 265 -2.80 8.04 38.73
N THR B 266 -1.46 8.00 38.64
CA THR B 266 -0.68 7.27 39.63
C THR B 266 -0.82 7.90 41.01
N GLN B 267 -0.75 9.22 41.11
CA GLN B 267 -0.94 9.87 42.40
C GLN B 267 -2.34 9.61 42.95
N VAL B 268 -3.35 9.70 42.10
CA VAL B 268 -4.73 9.48 42.55
C VAL B 268 -4.89 8.04 43.07
N GLY B 269 -4.35 7.07 42.33
CA GLY B 269 -4.44 5.69 42.77
C GLY B 269 -3.69 5.43 44.05
N ALA B 270 -2.50 6.03 44.19
CA ALA B 270 -1.72 5.84 45.41
C ALA B 270 -2.42 6.44 46.62
N THR B 271 -3.04 7.62 46.45
CA THR B 271 -3.74 8.25 47.56
C THR B 271 -4.91 7.40 48.05
N TYR B 272 -5.51 6.62 47.16
CA TYR B 272 -6.61 5.73 47.51
C TYR B 272 -6.18 4.28 47.66
N SER B 273 -4.87 4.03 47.69
CA SER B 273 -4.33 2.68 47.79
C SER B 273 -4.13 2.32 49.26
N ARG B 274 -3.50 1.17 49.50
CA ARG B 274 -3.21 0.69 50.84
C ARG B 274 -1.91 1.32 51.33
N SER B 275 -1.96 1.88 52.54
CA SER B 275 -0.80 2.53 53.13
C SER B 275 -0.09 1.57 54.09
N GLY B 276 0.96 2.08 54.73
CA GLY B 276 1.74 1.30 55.68
C GLY B 276 2.82 0.44 55.07
N LYS B 277 2.98 0.44 53.74
CA LYS B 277 3.99 -0.35 53.07
C LYS B 277 5.22 0.47 52.69
N GLY B 278 5.31 1.72 53.15
CA GLY B 278 6.44 2.56 52.85
C GLY B 278 6.08 3.68 51.89
N LYS B 279 6.58 4.88 52.17
CA LYS B 279 6.30 6.02 51.30
C LYS B 279 7.08 5.95 50.00
N LYS B 280 8.25 5.30 50.01
CA LYS B 280 9.03 5.17 48.78
C LYS B 280 8.27 4.36 47.73
N ARG B 281 7.61 3.29 48.16
CA ARG B 281 6.79 2.51 47.24
C ARG B 281 5.59 3.31 46.73
N LYS B 282 5.23 4.40 47.41
CA LYS B 282 4.10 5.21 47.02
C LYS B 282 4.47 6.34 46.06
N LEU B 283 5.70 6.84 46.14
CA LEU B 283 6.10 8.00 45.35
C LEU B 283 7.24 7.71 44.38
N LYS B 284 7.76 6.47 44.33
CA LYS B 284 8.82 6.17 43.38
C LYS B 284 8.33 6.27 41.95
N ALA B 285 7.07 5.91 41.69
CA ALA B 285 6.51 6.06 40.36
C ALA B 285 6.40 7.52 39.97
N VAL B 286 5.98 8.38 40.91
CA VAL B 286 5.88 9.81 40.63
C VAL B 286 7.25 10.40 40.35
N ASP B 287 8.25 10.02 41.15
CA ASP B 287 9.62 10.50 40.90
C ASP B 287 10.12 10.03 39.55
N LYS B 288 9.86 8.77 39.21
CA LYS B 288 10.27 8.26 37.90
C LYS B 288 9.60 9.03 36.78
N TYR B 289 8.31 9.34 36.94
CA TYR B 289 7.60 10.09 35.90
C TYR B 289 8.17 11.49 35.73
N HIS B 290 8.52 12.15 36.84
CA HIS B 290 9.16 13.46 36.74
C HIS B 290 10.48 13.36 35.98
N LYS B 291 11.29 12.34 36.32
CA LYS B 291 12.56 12.17 35.63
C LYS B 291 12.37 11.91 34.14
N THR B 292 11.37 11.09 33.79
CA THR B 292 11.13 10.80 32.38
C THR B 292 10.64 12.03 31.63
N GLU B 293 9.83 12.87 32.27
CA GLU B 293 9.41 14.11 31.63
C GLU B 293 10.61 15.00 31.32
N SER B 294 11.50 15.16 32.29
CA SER B 294 12.69 15.97 32.04
C SER B 294 13.55 15.38 30.93
N ASN B 295 13.74 14.07 30.94
CA ASN B 295 14.54 13.43 29.90
C ASN B 295 13.89 13.59 28.53
N TYR B 296 12.56 13.52 28.48
CA TYR B 296 11.85 13.69 27.21
C TYR B 296 12.05 15.10 26.65
N VAL B 297 11.95 16.11 27.51
CA VAL B 297 12.16 17.47 27.01
C VAL B 297 13.61 17.64 26.55
N ALA B 298 14.55 17.04 27.26
CA ALA B 298 15.94 17.11 26.83
C ALA B 298 16.12 16.48 25.46
N HIS B 299 15.51 15.32 25.24
CA HIS B 299 15.62 14.66 23.94
C HIS B 299 14.99 15.49 22.84
N ARG B 300 13.86 16.14 23.15
CA ARG B 300 13.23 17.02 22.17
C ARG B 300 14.16 18.16 21.79
N ILE B 301 14.80 18.78 22.79
CA ILE B 301 15.73 19.87 22.50
C ILE B 301 16.86 19.36 21.63
N HIS B 302 17.39 18.19 21.95
CA HIS B 302 18.49 17.63 21.17
C HIS B 302 18.08 17.42 19.72
N VAL B 303 16.90 16.84 19.49
CA VAL B 303 16.51 16.51 18.11
C VAL B 303 16.17 17.76 17.31
N TYR B 304 15.54 18.76 17.96
CA TYR B 304 15.25 20.00 17.25
C TYR B 304 16.53 20.74 16.87
N SER B 305 17.49 20.81 17.79
CA SER B 305 18.76 21.45 17.47
C SER B 305 19.48 20.69 16.37
N ARG B 306 19.42 19.36 16.38
CA ARG B 306 20.05 18.58 15.33
C ARG B 306 19.44 18.90 13.98
N LYS B 307 18.11 19.01 13.91
CA LYS B 307 17.48 19.31 12.64
C LYS B 307 17.79 20.72 12.17
N LEU B 308 17.86 21.68 13.09
CA LEU B 308 18.26 23.04 12.70
C LEU B 308 19.65 23.05 12.09
N ILE B 309 20.61 22.42 12.77
CA ILE B 309 21.98 22.40 12.23
C ILE B 309 22.03 21.64 10.91
N ASP B 310 21.24 20.57 10.79
CA ASP B 310 21.24 19.81 9.54
C ASP B 310 20.74 20.65 8.37
N PHE B 311 19.66 21.40 8.60
CA PHE B 311 19.15 22.27 7.53
C PHE B 311 20.19 23.32 7.18
N CYS B 312 20.86 23.88 8.19
CA CYS B 312 21.92 24.84 7.89
C CYS B 312 23.05 24.20 7.08
N ILE B 313 23.33 22.92 7.31
CA ILE B 313 24.40 22.24 6.59
C ILE B 313 24.01 22.06 5.12
N LYS B 314 22.79 21.60 4.86
CA LYS B 314 22.44 21.27 3.48
C LYS B 314 22.22 22.53 2.65
N HIS B 315 21.85 23.64 3.28
CA HIS B 315 21.74 24.93 2.61
C HIS B 315 23.03 25.72 2.59
N GLN B 316 24.10 25.19 3.16
CA GLN B 316 25.40 25.85 3.16
C GLN B 316 25.30 27.23 3.79
N ALA B 317 24.53 27.33 4.86
CA ALA B 317 24.38 28.57 5.60
C ALA B 317 25.46 28.63 6.67
N GLY B 318 26.52 29.39 6.38
CA GLY B 318 27.63 29.47 7.30
C GLY B 318 27.45 30.42 8.45
N THR B 319 26.41 31.25 8.40
CA THR B 319 26.15 32.23 9.45
C THR B 319 24.73 32.05 9.95
N LEU B 320 24.58 31.92 11.26
CA LEU B 320 23.29 31.66 11.89
C LEU B 320 23.11 32.65 13.03
N ILE B 321 21.95 33.30 13.10
CA ILE B 321 21.63 34.20 14.19
C ILE B 321 20.43 33.66 14.96
N LEU B 322 20.59 33.57 16.27
CA LEU B 322 19.49 33.31 17.19
C LEU B 322 18.79 34.63 17.50
N MET B 323 18.02 35.09 16.51
CA MET B 323 17.22 36.29 16.71
C MET B 323 16.27 36.09 17.87
N ASN B 324 16.44 36.88 18.92
CA ASN B 324 15.82 36.61 20.20
C ASN B 324 14.76 37.65 20.55
N GLN B 325 13.66 37.16 21.14
CA GLN B 325 12.65 37.92 21.87
C GLN B 325 12.33 39.30 21.33
N GLU B 326 13.35 40.18 21.26
CA GLU B 326 13.18 41.60 21.04
C GLU B 326 12.19 41.89 19.91
N ASP B 327 11.09 42.56 20.26
CA ASP B 327 10.03 42.88 19.32
C ASP B 327 9.14 43.94 19.96
N LYS B 328 8.72 44.92 19.15
CA LYS B 328 7.89 46.03 19.62
C LYS B 328 8.54 46.77 20.79
N VAL B 329 9.88 46.91 20.71
CA VAL B 329 10.73 47.59 21.69
C VAL B 329 10.25 47.34 23.12
N GLY B 330 10.35 46.09 23.56
CA GLY B 330 9.96 45.72 24.91
C GLY B 330 8.47 45.59 25.10
N ILE B 331 7.86 44.64 24.41
CA ILE B 331 6.43 44.41 24.51
C ILE B 331 6.15 43.58 25.76
N ALA B 332 4.88 43.57 26.18
CA ALA B 332 4.48 42.85 27.38
C ALA B 332 4.53 41.34 27.12
N LYS B 333 4.27 40.57 28.18
CA LYS B 333 4.34 39.12 28.11
C LYS B 333 3.09 38.56 27.43
N GLU B 334 3.30 37.67 26.48
CA GLU B 334 2.21 36.98 25.80
C GLU B 334 1.75 35.81 26.64
N GLU B 335 0.94 34.92 26.06
CA GLU B 335 0.46 33.73 26.76
C GLU B 335 1.63 32.89 27.24
N GLU B 336 2.42 32.36 26.31
CA GLU B 336 3.62 31.60 26.62
C GLU B 336 4.33 31.32 25.30
N PHE B 337 5.65 31.13 25.39
CA PHE B 337 6.49 30.82 24.25
C PHE B 337 6.85 29.34 24.30
N VAL B 338 6.56 28.60 23.23
CA VAL B 338 7.00 27.21 23.18
C VAL B 338 8.52 27.20 23.09
N LEU B 339 9.14 26.34 23.89
CA LEU B 339 10.57 26.38 24.23
C LEU B 339 10.96 27.65 24.97
N ARG B 340 10.00 28.44 25.41
CA ARG B 340 10.23 29.57 26.30
C ARG B 340 11.29 30.53 25.77
N ASN B 341 12.46 30.52 26.40
CA ASN B 341 13.57 31.36 26.02
C ASN B 341 14.66 30.51 25.39
N TRP B 342 15.78 31.14 25.05
CA TRP B 342 16.87 30.35 24.51
C TRP B 342 17.61 29.57 25.58
N SER B 343 17.36 29.85 26.85
CA SER B 343 18.02 29.18 27.96
C SER B 343 17.03 28.29 28.72
N TYR B 344 16.14 27.63 27.98
CA TYR B 344 15.18 26.72 28.60
C TYR B 344 15.89 25.48 29.14
N TYR B 345 16.50 24.71 28.26
CA TYR B 345 17.13 23.45 28.65
C TYR B 345 18.56 23.46 28.21
N GLU B 346 19.23 24.58 28.50
CA GLU B 346 20.53 24.89 27.94
C GLU B 346 20.46 24.93 26.41
N LEU B 347 19.30 25.34 25.88
CA LEU B 347 19.08 25.33 24.43
C LEU B 347 20.11 26.18 23.71
N MET B 348 20.39 27.38 24.23
CA MET B 348 21.46 28.18 23.68
C MET B 348 22.77 27.40 23.70
N THR B 349 23.06 26.73 24.81
CA THR B 349 24.28 25.95 24.88
C THR B 349 24.28 24.78 23.92
N LYS B 350 23.15 24.07 23.79
CA LYS B 350 23.11 22.93 22.89
C LYS B 350 23.29 23.37 21.44
N ILE B 351 22.61 24.46 21.05
CA ILE B 351 22.76 24.97 19.69
C ILE B 351 24.19 25.43 19.44
N LYS B 352 24.79 26.14 20.41
CA LYS B 352 26.16 26.57 20.26
C LYS B 352 27.10 25.37 20.13
N TYR B 353 26.84 24.32 20.90
CA TYR B 353 27.67 23.12 20.85
C TYR B 353 27.59 22.46 19.48
N LYS B 354 26.37 22.25 18.97
CA LYS B 354 26.24 21.59 17.68
C LYS B 354 26.75 22.47 16.55
N ALA B 355 26.61 23.79 16.68
CA ALA B 355 27.19 24.69 15.71
C ALA B 355 28.71 24.61 15.70
N GLU B 356 29.34 24.68 16.88
CA GLU B 356 30.79 24.69 16.93
C GLU B 356 31.37 23.35 16.52
N LYS B 357 30.63 22.26 16.70
CA LYS B 357 31.09 21.01 16.09
C LYS B 357 30.86 20.99 14.59
N ALA B 358 29.80 21.62 14.11
CA ALA B 358 29.53 21.64 12.68
C ALA B 358 30.53 22.49 11.92
N GLY B 359 30.90 23.63 12.47
CA GLY B 359 31.73 24.59 11.77
C GLY B 359 30.94 25.83 11.40
N ILE B 360 30.03 26.23 12.27
CA ILE B 360 29.12 27.34 12.02
C ILE B 360 29.38 28.42 13.07
N GLU B 361 29.68 29.62 12.61
CA GLU B 361 29.76 30.76 13.51
C GLU B 361 28.35 31.14 13.96
N LEU B 362 28.23 31.56 15.21
CA LEU B 362 26.93 31.84 15.82
C LEU B 362 26.94 33.26 16.37
N ILE B 363 25.89 34.02 16.08
CA ILE B 363 25.73 35.37 16.59
C ILE B 363 24.39 35.42 17.32
N ILE B 364 24.43 35.67 18.62
CA ILE B 364 23.20 35.72 19.39
C ILE B 364 22.47 37.02 19.06
N GLY B 365 21.14 36.94 19.02
CA GLY B 365 20.33 38.10 18.71
C GLY B 365 19.34 38.46 19.80
#